data_8XVL
#
_entry.id   8XVL
#
_cell.length_a   1.00
_cell.length_b   1.00
_cell.length_c   1.00
_cell.angle_alpha   90.00
_cell.angle_beta   90.00
_cell.angle_gamma   90.00
#
_symmetry.space_group_name_H-M   'P 1'
#
loop_
_entity.id
_entity.type
_entity.pdbx_description
1 polymer 'anti-BRIL Fab Heavy chain'
2 polymer 'anti-Fab Nanobody'
3 polymer 'anti-BRIL Fab Light chain'
4 polymer 'Endoglucanase H,Endothelin-1 receptor,Soluble cytochrome b562'
5 non-polymer Zibotentan
#
loop_
_entity_poly.entity_id
_entity_poly.type
_entity_poly.pdbx_seq_one_letter_code
_entity_poly.pdbx_strand_id
1 'polypeptide(L)'
;MGWSCIILFLVATATGVHSEISEVQLVESGGGLVQPGGSLRLSCAASGFNVVDFSLHWVRQAPGKGLEWVAYISSSSGST
SYADSVKGRFTISADTSKNTAYLQMNSLRAEDTAVYYCARWGYWPGEPWWKAFDYWGQGTLVTVSSASTKGPSVFPLAPS
SKSTSGGTAALGCLVKDYFPEPVTVSWNSGALTSGVHTFPAVLQSSGLYSLSSVVTVPSSSLGTQTYICNVNHKPSNTKV
DKKVEPKSCDKTHENLYFQGHHHHHH
;
H
2 'polypeptide(L)'
;HHHHHHGENLYFQGSQVQLQESGGGLVQPGGSLRLSCAASGRTISRYAMSWFRQAPGKEREFVAVARRSGDGAFYADSVQ
GRFTVSRDDAKNTVYLQMNSLKPEDTAVYYCAIDSDTFYSGSYDYWGQGTQVTVSS
;
K
3 'polypeptide(L)'
;MGWSCIILFLVATATGVHSSDIQMTQSPSSLSASVGDRVTITCRASQSVSSAVAWYQQKPGKAPKLLIYSASSLYSGVPS
RFSGSRSGTDFTLTISSLQPEDFATYYCQQYLYYSLVTFGQGTKVEIKRTVAAPSVFIFPPSDSQLKSGTASVVCLLNNF
YPREAKVQWKVDNALQSGNSQESVTEQDSKDSTYSLSSTLTLSKADYEKHKVYACEVTHQGLSSPVTKSFNRGEC
;
L
4 'polypeptide(L)'
;MKTIIALSYIFCLVFADYKDDDDAHHHHHHHHHHGRAMASNYNSGLKIGAWVGTQPSESAIKSFQELQGRKLDIVHQFIN
WSTDFSWVRPYADAVYNNGSILMITWEPWEYNTVDIKNGKADAYITRMAQDMKAYGKEIWLRPLHAANGDWYPWAIGYSS
RVNTNETYIAAFRHIVDIFRANGATNVKWVFNVNCDNVGNGTSYLGHYPGDNYVDYTSIDGYNWGTTQSWGSQWQSFDQV
FSRAYQALASINKPIIIAEFASAEIGGNKARWITEAYNSIRTSYNKVIAAVWFHENKETDWRINSSPEALAAYREAIGAE
NLYFQGTTHQPTNLVLPSNGSMHNYCPQQTKITSAFKYINTVISCTIFIVGMVGNATLLRIIYQNKCMRNGPNALIASLA
LGDLIYVVIDLPINVFKLLAGRWPFDHNDFGVFLCKLFPFLQKSSVGITVLNLCALSVDRYRAVASWSRVQGIGIPLVTA
IEIVSIWILSFILAIPEAIGFVMVPFEYRGEQHKTCMLNATSKFMEFYQDVKDWWLFGFYFCMPLVCTAIFYTLMTCEAR
RQLADLEDNWETLNDNLKVIEKADNAAQVKDALTKMRAAALDAQKATPPKLEDKSPDSPEMKDFRHGFDILVGQIDDALK
LANEGKVKEAQAAAEQLKTTRNAYIQKYLERARSTLKQRREVAKTVFCLVVIFALCWFPLHLSRILKKTVYNEMDKNRCE
LLSFLLLMDYIGINLATMNSCINPIALYFVSKKFKNCFQSCLCCCCYQSKSLMTSVPMNGTSI
;
R
#
# COMPACT_ATOMS: atom_id res chain seq x y z
N GLU A 23 -19.90 -11.55 26.28
CA GLU A 23 -20.79 -12.58 25.74
C GLU A 23 -21.77 -11.97 24.74
N VAL A 24 -21.26 -11.12 23.86
CA VAL A 24 -22.10 -10.49 22.84
C VAL A 24 -22.52 -11.54 21.83
N GLN A 25 -23.82 -11.62 21.54
CA GLN A 25 -24.32 -12.68 20.69
C GLN A 25 -25.62 -12.27 20.01
N LEU A 26 -25.77 -12.68 18.75
CA LEU A 26 -26.94 -12.39 17.93
C LEU A 26 -27.40 -13.67 17.25
N VAL A 27 -28.71 -13.87 17.20
CA VAL A 27 -29.32 -14.98 16.48
C VAL A 27 -30.47 -14.46 15.62
N GLU A 28 -30.62 -15.01 14.42
CA GLU A 28 -31.75 -14.72 13.55
C GLU A 28 -32.65 -15.94 13.42
N SER A 29 -33.77 -15.74 12.73
CA SER A 29 -34.77 -16.79 12.57
C SER A 29 -35.73 -16.38 11.46
N GLY A 30 -36.72 -17.23 11.22
CA GLY A 30 -37.80 -16.91 10.30
C GLY A 30 -37.55 -17.24 8.85
N GLY A 31 -36.41 -17.82 8.51
CA GLY A 31 -36.13 -18.12 7.11
C GLY A 31 -36.93 -19.30 6.62
N GLY A 32 -37.05 -19.38 5.29
CA GLY A 32 -37.77 -20.48 4.68
C GLY A 32 -38.03 -20.24 3.21
N LEU A 33 -39.03 -20.95 2.71
CA LEU A 33 -39.42 -20.92 1.31
C LEU A 33 -40.76 -20.22 1.19
N VAL A 34 -40.84 -19.24 0.29
CA VAL A 34 -42.06 -18.48 0.04
C VAL A 34 -42.32 -18.43 -1.46
N GLN A 35 -43.57 -18.22 -1.81
CA GLN A 35 -43.98 -18.11 -3.20
C GLN A 35 -43.80 -16.69 -3.70
N PRO A 36 -43.72 -16.48 -5.01
CA PRO A 36 -43.68 -15.12 -5.55
C PRO A 36 -44.86 -14.30 -5.07
N GLY A 37 -44.60 -13.06 -4.69
CA GLY A 37 -45.63 -12.20 -4.15
C GLY A 37 -46.15 -12.67 -2.80
N GLY A 38 -45.28 -12.67 -1.79
CA GLY A 38 -45.66 -13.15 -0.48
C GLY A 38 -45.16 -12.29 0.65
N SER A 39 -45.28 -12.77 1.88
CA SER A 39 -44.91 -12.00 3.07
C SER A 39 -44.07 -12.87 3.99
N LEU A 40 -43.13 -12.24 4.67
CA LEU A 40 -42.25 -12.99 5.57
C LEU A 40 -41.76 -12.06 6.69
N ARG A 41 -41.39 -12.67 7.81
CA ARG A 41 -40.98 -11.97 9.02
C ARG A 41 -39.79 -12.67 9.65
N LEU A 42 -38.70 -11.91 9.86
CA LEU A 42 -37.52 -12.41 10.53
C LEU A 42 -37.43 -11.85 11.94
N SER A 43 -36.32 -12.17 12.61
CA SER A 43 -36.08 -11.71 13.96
C SER A 43 -34.57 -11.61 14.18
N CYS A 44 -34.20 -10.74 15.12
CA CYS A 44 -32.81 -10.56 15.51
C CYS A 44 -32.80 -10.41 17.03
N ALA A 45 -32.29 -11.42 17.72
CA ALA A 45 -32.19 -11.36 19.17
C ALA A 45 -30.78 -10.94 19.57
N ALA A 46 -30.71 -10.09 20.60
CA ALA A 46 -29.43 -9.55 21.05
C ALA A 46 -29.23 -9.92 22.51
N SER A 47 -28.05 -10.46 22.83
CA SER A 47 -27.73 -10.79 24.21
C SER A 47 -26.41 -10.14 24.58
N GLY A 48 -26.32 -9.69 25.84
CA GLY A 48 -25.11 -9.07 26.34
C GLY A 48 -25.04 -7.57 26.19
N PHE A 49 -26.06 -6.93 25.63
CA PHE A 49 -26.09 -5.48 25.52
C PHE A 49 -27.54 -5.04 25.33
N ASN A 50 -27.74 -3.73 25.28
CA ASN A 50 -29.06 -3.13 25.17
C ASN A 50 -29.23 -2.45 23.81
N VAL A 51 -30.47 -2.49 23.30
CA VAL A 51 -30.75 -1.86 22.02
C VAL A 51 -30.76 -0.35 22.12
N VAL A 52 -30.85 0.20 23.33
CA VAL A 52 -30.88 1.66 23.50
C VAL A 52 -29.50 2.28 23.39
N ASP A 53 -28.46 1.49 23.20
CA ASP A 53 -27.11 2.00 23.06
C ASP A 53 -26.48 1.73 21.71
N PHE A 54 -27.10 0.92 20.87
CA PHE A 54 -26.56 0.55 19.57
C PHE A 54 -27.66 0.59 18.52
N SER A 55 -27.25 0.76 17.27
CA SER A 55 -28.14 0.74 16.11
C SER A 55 -27.95 -0.56 15.34
N LEU A 56 -29.03 -0.98 14.66
CA LEU A 56 -29.07 -2.28 14.02
C LEU A 56 -29.23 -2.15 12.51
N HIS A 57 -28.50 -2.99 11.77
CA HIS A 57 -28.46 -2.96 10.32
C HIS A 57 -28.66 -4.36 9.74
N TRP A 58 -29.21 -4.42 8.53
CA TRP A 58 -29.37 -5.67 7.79
C TRP A 58 -28.53 -5.63 6.52
N VAL A 59 -27.82 -6.72 6.25
CA VAL A 59 -26.94 -6.82 5.09
C VAL A 59 -27.26 -8.11 4.33
N ARG A 60 -27.32 -8.01 3.01
CA ARG A 60 -27.70 -9.13 2.15
C ARG A 60 -26.47 -9.70 1.45
N GLN A 61 -26.58 -10.97 1.05
CA GLN A 61 -25.56 -11.60 0.21
C GLN A 61 -26.26 -12.57 -0.73
N ALA A 62 -26.37 -12.18 -2.00
CA ALA A 62 -26.93 -13.05 -3.01
C ALA A 62 -25.98 -14.22 -3.26
N PRO A 63 -26.50 -15.37 -3.70
CA PRO A 63 -25.63 -16.55 -3.82
C PRO A 63 -24.64 -16.40 -4.95
N GLY A 64 -23.36 -16.55 -4.61
CA GLY A 64 -22.28 -16.33 -5.55
C GLY A 64 -22.12 -14.89 -5.99
N LYS A 65 -22.32 -13.95 -5.09
CA LYS A 65 -22.24 -12.52 -5.38
C LYS A 65 -21.58 -11.81 -4.19
N GLY A 66 -21.65 -10.49 -4.19
CA GLY A 66 -21.06 -9.68 -3.14
C GLY A 66 -22.06 -9.31 -2.06
N LEU A 67 -21.69 -8.30 -1.28
CA LEU A 67 -22.50 -7.86 -0.15
C LEU A 67 -23.31 -6.62 -0.53
N GLU A 68 -24.45 -6.44 0.14
CA GLU A 68 -25.35 -5.33 -0.15
C GLU A 68 -26.05 -4.91 1.13
N TRP A 69 -26.26 -3.61 1.28
CA TRP A 69 -26.92 -3.02 2.44
C TRP A 69 -28.42 -2.91 2.19
N VAL A 70 -29.21 -3.11 3.25
CA VAL A 70 -30.66 -3.15 3.10
C VAL A 70 -31.38 -2.12 3.95
N ALA A 71 -31.28 -2.20 5.28
CA ALA A 71 -32.11 -1.37 6.14
C ALA A 71 -31.41 -1.13 7.47
N TYR A 72 -31.89 -0.10 8.18
CA TYR A 72 -31.29 0.43 9.40
C TYR A 72 -32.36 0.93 10.35
N ILE A 73 -32.22 0.58 11.64
CA ILE A 73 -33.13 1.03 12.70
C ILE A 73 -32.32 1.50 13.90
N SER A 74 -32.78 2.61 14.50
CA SER A 74 -32.31 3.06 15.81
C SER A 74 -33.53 3.30 16.70
N SER A 75 -33.56 2.62 17.85
CA SER A 75 -34.72 2.67 18.74
C SER A 75 -34.75 3.95 19.56
N SER A 76 -33.59 4.45 19.98
CA SER A 76 -33.55 5.61 20.85
C SER A 76 -34.18 6.83 20.18
N SER A 77 -33.72 7.15 18.97
CA SER A 77 -34.29 8.25 18.21
C SER A 77 -35.48 7.81 17.36
N GLY A 78 -35.77 6.52 17.30
CA GLY A 78 -36.86 6.03 16.46
C GLY A 78 -36.67 6.33 14.99
N SER A 79 -35.46 6.13 14.49
CA SER A 79 -35.12 6.49 13.12
C SER A 79 -34.96 5.23 12.27
N THR A 80 -35.44 5.31 11.02
CA THR A 80 -35.42 4.18 10.12
C THR A 80 -34.92 4.64 8.76
N SER A 81 -34.16 3.78 8.08
CA SER A 81 -33.71 4.06 6.72
C SER A 81 -33.69 2.78 5.90
N TYR A 82 -33.94 2.92 4.61
CA TYR A 82 -34.12 1.80 3.71
C TYR A 82 -33.27 1.99 2.46
N ALA A 83 -32.91 0.88 1.83
CA ALA A 83 -32.20 0.95 0.57
C ALA A 83 -33.17 1.29 -0.57
N ASP A 84 -32.61 1.62 -1.73
CA ASP A 84 -33.43 2.08 -2.85
C ASP A 84 -34.24 0.93 -3.45
N SER A 85 -33.65 -0.26 -3.54
CA SER A 85 -34.32 -1.38 -4.21
C SER A 85 -35.39 -2.02 -3.35
N VAL A 86 -35.39 -1.77 -2.04
CA VAL A 86 -36.30 -2.45 -1.12
C VAL A 86 -37.29 -1.47 -0.49
N LYS A 87 -37.29 -0.22 -0.91
CA LYS A 87 -38.20 0.77 -0.35
C LYS A 87 -39.63 0.49 -0.79
N GLY A 88 -40.57 0.66 0.14
CA GLY A 88 -41.97 0.44 -0.14
C GLY A 88 -42.42 -1.01 -0.04
N ARG A 89 -41.49 -1.94 0.19
CA ARG A 89 -41.83 -3.34 0.37
C ARG A 89 -41.37 -3.91 1.71
N PHE A 90 -40.44 -3.26 2.39
CA PHE A 90 -39.91 -3.74 3.66
C PHE A 90 -40.33 -2.79 4.77
N THR A 91 -40.53 -3.35 5.97
CA THR A 91 -40.74 -2.54 7.17
C THR A 91 -39.86 -3.10 8.28
N ILE A 92 -39.30 -2.20 9.08
CA ILE A 92 -38.36 -2.57 10.14
C ILE A 92 -38.82 -1.96 11.45
N SER A 93 -38.74 -2.73 12.53
CA SER A 93 -39.17 -2.26 13.84
C SER A 93 -38.29 -2.92 14.90
N ALA A 94 -38.52 -2.53 16.16
CA ALA A 94 -37.74 -3.07 17.27
C ALA A 94 -38.63 -3.14 18.51
N ASP A 95 -38.17 -3.94 19.47
CA ASP A 95 -38.86 -4.11 20.75
C ASP A 95 -37.81 -4.13 21.85
N THR A 96 -37.84 -3.11 22.71
CA THR A 96 -36.84 -2.99 23.76
C THR A 96 -37.09 -3.95 24.92
N SER A 97 -38.36 -4.22 25.23
CA SER A 97 -38.67 -5.14 26.32
C SER A 97 -38.17 -6.54 26.02
N LYS A 98 -38.37 -7.01 24.78
CA LYS A 98 -37.86 -8.31 24.37
C LYS A 98 -36.44 -8.26 23.84
N ASN A 99 -35.90 -7.07 23.59
CA ASN A 99 -34.53 -6.88 23.09
C ASN A 99 -34.35 -7.49 21.70
N THR A 100 -35.30 -7.20 20.80
CA THR A 100 -35.30 -7.82 19.48
C THR A 100 -35.53 -6.78 18.39
N ALA A 101 -35.13 -7.16 17.18
CA ALA A 101 -35.38 -6.39 15.97
C ALA A 101 -36.16 -7.23 14.97
N TYR A 102 -37.10 -6.60 14.28
CA TYR A 102 -38.02 -7.28 13.37
C TYR A 102 -37.95 -6.69 11.98
N LEU A 103 -37.93 -7.57 10.98
CA LEU A 103 -37.98 -7.18 9.58
C LEU A 103 -39.10 -7.92 8.89
N GLN A 104 -39.94 -7.18 8.16
CA GLN A 104 -41.09 -7.73 7.44
C GLN A 104 -40.96 -7.38 5.97
N MET A 105 -41.12 -8.39 5.11
CA MET A 105 -41.11 -8.17 3.67
C MET A 105 -42.44 -8.56 3.07
N ASN A 106 -42.87 -7.80 2.06
CA ASN A 106 -44.08 -8.06 1.30
C ASN A 106 -43.75 -7.97 -0.19
N SER A 107 -44.53 -8.68 -1.00
CA SER A 107 -44.42 -8.65 -2.46
C SER A 107 -43.01 -9.04 -2.92
N LEU A 108 -42.65 -10.28 -2.65
CA LEU A 108 -41.30 -10.76 -2.94
C LEU A 108 -41.15 -11.13 -4.42
N ARG A 109 -39.93 -10.98 -4.91
CA ARG A 109 -39.55 -11.36 -6.27
C ARG A 109 -38.46 -12.42 -6.21
N ALA A 110 -38.07 -12.91 -7.40
CA ALA A 110 -37.05 -13.94 -7.47
C ALA A 110 -35.66 -13.41 -7.20
N GLU A 111 -35.44 -12.11 -7.30
CA GLU A 111 -34.14 -11.52 -6.97
C GLU A 111 -33.90 -11.47 -5.48
N ASP A 112 -34.96 -11.51 -4.66
CA ASP A 112 -34.82 -11.34 -3.22
C ASP A 112 -34.17 -12.53 -2.52
N THR A 113 -33.95 -13.64 -3.22
CA THR A 113 -33.38 -14.82 -2.58
C THR A 113 -31.91 -14.58 -2.27
N ALA A 114 -31.56 -14.55 -0.99
CA ALA A 114 -30.19 -14.35 -0.57
C ALA A 114 -30.05 -14.79 0.88
N VAL A 115 -28.85 -14.58 1.42
CA VAL A 115 -28.56 -14.84 2.82
C VAL A 115 -28.52 -13.50 3.55
N TYR A 116 -29.25 -13.40 4.66
CA TYR A 116 -29.43 -12.16 5.37
C TYR A 116 -28.68 -12.17 6.70
N TYR A 117 -28.05 -11.05 7.01
CA TYR A 117 -27.21 -10.88 8.19
C TYR A 117 -27.67 -9.68 8.99
N CYS A 118 -27.48 -9.77 10.31
CA CYS A 118 -27.86 -8.74 11.26
C CYS A 118 -26.59 -8.23 11.92
N ALA A 119 -26.36 -6.92 11.88
CA ALA A 119 -25.13 -6.33 12.38
C ALA A 119 -25.44 -5.15 13.30
N ARG A 120 -24.48 -4.83 14.17
CA ARG A 120 -24.65 -3.78 15.16
C ARG A 120 -23.58 -2.70 14.97
N TRP A 121 -23.94 -1.47 15.33
CA TRP A 121 -23.06 -0.32 15.15
C TRP A 121 -23.29 0.67 16.29
N GLY A 122 -22.21 1.29 16.75
CA GLY A 122 -22.28 2.20 17.87
C GLY A 122 -22.76 3.59 17.50
N TYR A 123 -22.72 4.48 18.49
CA TYR A 123 -23.14 5.86 18.33
C TYR A 123 -21.92 6.77 18.23
N TRP A 124 -22.17 7.99 17.74
CA TRP A 124 -21.07 8.80 17.19
C TRP A 124 -20.00 9.18 18.21
N PRO A 125 -20.31 9.81 19.35
CA PRO A 125 -19.22 10.32 20.20
C PRO A 125 -18.24 9.24 20.63
N GLY A 126 -17.04 9.27 20.08
CA GLY A 126 -15.98 8.39 20.53
C GLY A 126 -15.68 7.24 19.59
N GLU A 127 -15.11 6.19 20.19
CA GLU A 127 -14.58 5.00 19.52
C GLU A 127 -15.64 4.05 18.95
N PRO A 128 -16.80 3.87 19.59
CA PRO A 128 -17.80 2.94 19.01
C PRO A 128 -18.19 3.27 17.59
N TRP A 129 -18.25 4.55 17.23
CA TRP A 129 -18.55 4.91 15.85
C TRP A 129 -17.45 4.45 14.91
N TRP A 130 -16.18 4.65 15.30
CA TRP A 130 -15.06 4.24 14.46
C TRP A 130 -14.92 2.74 14.36
N LYS A 131 -15.45 1.99 15.33
CA LYS A 131 -15.25 0.55 15.34
C LYS A 131 -15.99 -0.16 14.21
N ALA A 132 -16.99 0.48 13.61
CA ALA A 132 -17.77 -0.09 12.51
C ALA A 132 -18.46 -1.39 12.90
N PHE A 133 -18.94 -2.13 11.91
CA PHE A 133 -19.57 -3.42 12.17
C PHE A 133 -18.57 -4.37 12.80
N ASP A 134 -18.77 -4.72 14.07
CA ASP A 134 -17.86 -5.60 14.79
C ASP A 134 -18.45 -6.92 15.22
N TYR A 135 -19.77 -7.05 15.24
CA TYR A 135 -20.43 -8.31 15.57
C TYR A 135 -21.50 -8.61 14.54
N TRP A 136 -21.54 -9.86 14.08
CA TRP A 136 -22.46 -10.28 13.02
C TRP A 136 -23.21 -11.53 13.45
N GLY A 137 -24.40 -11.70 12.90
CA GLY A 137 -25.13 -12.93 13.07
C GLY A 137 -24.66 -14.02 12.14
N GLN A 138 -25.19 -15.23 12.36
CA GLN A 138 -24.78 -16.37 11.55
C GLN A 138 -25.43 -16.36 10.17
N GLY A 139 -26.63 -15.81 10.03
CA GLY A 139 -27.27 -15.73 8.74
C GLY A 139 -28.57 -16.51 8.63
N THR A 140 -29.43 -16.11 7.70
CA THR A 140 -30.71 -16.76 7.50
C THR A 140 -30.99 -16.84 6.00
N LEU A 141 -31.43 -18.01 5.55
CA LEU A 141 -31.62 -18.28 4.13
C LEU A 141 -33.09 -18.13 3.75
N VAL A 142 -33.34 -17.38 2.67
CA VAL A 142 -34.68 -17.17 2.15
C VAL A 142 -34.70 -17.63 0.70
N THR A 143 -35.70 -18.43 0.34
CA THR A 143 -35.83 -18.93 -1.02
C THR A 143 -37.22 -18.62 -1.55
N VAL A 144 -37.28 -17.95 -2.69
CA VAL A 144 -38.53 -17.69 -3.39
C VAL A 144 -38.71 -18.78 -4.44
N SER A 145 -39.72 -19.63 -4.27
CA SER A 145 -39.91 -20.82 -5.08
C SER A 145 -41.32 -20.86 -5.66
N SER A 146 -41.45 -21.55 -6.80
CA SER A 146 -42.72 -21.70 -7.50
C SER A 146 -43.23 -23.12 -7.51
N ALA A 147 -42.39 -24.09 -7.82
CA ALA A 147 -42.82 -25.48 -7.96
C ALA A 147 -42.65 -26.22 -6.64
N SER A 148 -43.40 -27.31 -6.50
CA SER A 148 -43.43 -28.10 -5.28
C SER A 148 -42.34 -29.18 -5.34
N THR A 149 -42.23 -29.95 -4.27
CA THR A 149 -41.17 -30.93 -4.16
C THR A 149 -41.50 -32.18 -4.96
N LYS A 150 -40.47 -32.76 -5.56
CA LYS A 150 -40.55 -34.10 -6.15
C LYS A 150 -39.15 -34.68 -6.21
N GLY A 151 -39.10 -36.00 -6.30
CA GLY A 151 -37.84 -36.70 -6.31
C GLY A 151 -37.11 -36.56 -7.63
N PRO A 152 -35.89 -37.05 -7.66
CA PRO A 152 -35.09 -36.96 -8.87
C PRO A 152 -35.10 -38.14 -9.83
N SER A 153 -34.68 -37.86 -11.06
CA SER A 153 -34.51 -38.85 -12.10
C SER A 153 -33.04 -39.15 -12.25
N VAL A 154 -32.67 -40.43 -12.19
CA VAL A 154 -31.28 -40.87 -12.15
C VAL A 154 -30.98 -41.66 -13.41
N PHE A 155 -29.86 -41.33 -14.05
CA PHE A 155 -29.41 -41.94 -15.29
C PHE A 155 -27.93 -42.27 -15.19
N PRO A 156 -27.47 -43.26 -15.94
CA PRO A 156 -26.04 -43.60 -15.96
C PRO A 156 -25.28 -42.90 -17.09
N LEU A 157 -23.96 -42.88 -16.94
CA LEU A 157 -23.06 -42.35 -17.96
C LEU A 157 -21.84 -43.26 -17.99
N ALA A 158 -21.76 -44.12 -19.00
CA ALA A 158 -20.75 -45.16 -19.10
C ALA A 158 -19.77 -44.88 -20.23
N PRO A 159 -18.49 -45.21 -20.04
CA PRO A 159 -17.50 -44.99 -21.10
C PRO A 159 -17.34 -46.22 -22.00
N SER A 160 -17.28 -45.95 -23.31
CA SER A 160 -17.12 -47.01 -24.28
C SER A 160 -15.71 -47.59 -24.23
N SER A 161 -15.54 -48.75 -24.85
CA SER A 161 -14.23 -49.39 -24.88
C SER A 161 -13.22 -48.54 -25.63
N LYS A 162 -13.63 -47.92 -26.74
CA LYS A 162 -12.73 -47.05 -27.49
C LYS A 162 -12.38 -45.81 -26.68
N SER A 163 -13.29 -45.36 -25.81
CA SER A 163 -13.01 -44.20 -24.98
C SER A 163 -11.88 -44.49 -24.00
N THR A 164 -11.83 -45.69 -23.45
CA THR A 164 -10.75 -46.08 -22.55
C THR A 164 -9.41 -46.03 -23.25
N SER A 165 -9.23 -46.87 -24.27
CA SER A 165 -8.01 -46.90 -25.08
C SER A 165 -6.76 -47.09 -24.21
N GLY A 166 -6.90 -47.93 -23.18
CA GLY A 166 -5.79 -48.19 -22.28
C GLY A 166 -5.72 -47.21 -21.12
N GLY A 167 -6.15 -45.98 -21.35
CA GLY A 167 -6.13 -44.97 -20.31
C GLY A 167 -7.29 -45.11 -19.35
N THR A 168 -7.26 -44.27 -18.31
CA THR A 168 -8.31 -44.28 -17.30
C THR A 168 -9.62 -43.76 -17.90
N ALA A 169 -10.72 -44.43 -17.57
CA ALA A 169 -12.04 -44.09 -18.08
C ALA A 169 -12.96 -43.75 -16.91
N ALA A 170 -13.64 -42.61 -17.02
CA ALA A 170 -14.51 -42.11 -15.95
C ALA A 170 -15.95 -42.53 -16.22
N LEU A 171 -16.65 -42.96 -15.18
CA LEU A 171 -18.09 -43.14 -15.26
C LEU A 171 -18.79 -42.07 -14.44
N GLY A 172 -20.13 -42.02 -14.55
CA GLY A 172 -20.86 -40.98 -13.87
C GLY A 172 -22.32 -41.31 -13.65
N CYS A 173 -22.90 -40.57 -12.71
CA CYS A 173 -24.31 -40.66 -12.37
C CYS A 173 -24.93 -39.28 -12.52
N LEU A 174 -26.03 -39.20 -13.26
CA LEU A 174 -26.69 -37.93 -13.53
C LEU A 174 -28.06 -37.91 -12.83
N VAL A 175 -28.33 -36.84 -12.08
CA VAL A 175 -29.61 -36.67 -11.41
C VAL A 175 -30.23 -35.36 -11.87
N LYS A 176 -31.53 -35.40 -12.16
CA LYS A 176 -32.19 -34.24 -12.74
C LYS A 176 -33.57 -34.08 -12.13
N ASP A 177 -34.09 -32.85 -12.19
CA ASP A 177 -35.47 -32.55 -11.79
C ASP A 177 -35.72 -32.83 -10.32
N TYR A 178 -35.03 -32.13 -9.44
CA TYR A 178 -35.22 -32.24 -8.00
C TYR A 178 -35.30 -30.85 -7.40
N PHE A 179 -36.08 -30.71 -6.33
CA PHE A 179 -36.16 -29.43 -5.60
C PHE A 179 -35.99 -29.61 -4.10
N PRO A 180 -34.83 -30.10 -3.64
CA PRO A 180 -34.32 -29.67 -2.34
C PRO A 180 -33.30 -28.57 -2.49
N GLU A 181 -32.81 -28.03 -1.39
CA GLU A 181 -31.52 -27.36 -1.47
C GLU A 181 -30.40 -28.39 -1.43
N PRO A 182 -30.39 -29.33 -0.45
CA PRO A 182 -29.29 -30.32 -0.40
C PRO A 182 -29.61 -31.66 -1.04
N VAL A 183 -28.63 -32.25 -1.72
CA VAL A 183 -28.72 -33.61 -2.23
C VAL A 183 -27.38 -34.29 -1.95
N THR A 184 -27.41 -35.59 -1.67
CA THR A 184 -26.22 -36.35 -1.35
C THR A 184 -26.07 -37.53 -2.30
N VAL A 185 -24.85 -37.71 -2.82
CA VAL A 185 -24.51 -38.80 -3.73
C VAL A 185 -23.34 -39.57 -3.13
N SER A 186 -23.44 -40.90 -3.14
CA SER A 186 -22.41 -41.78 -2.60
C SER A 186 -22.10 -42.90 -3.58
N TRP A 187 -20.88 -43.40 -3.51
CA TRP A 187 -20.40 -44.44 -4.42
C TRP A 187 -19.96 -45.65 -3.59
N ASN A 188 -20.63 -46.79 -3.81
CA ASN A 188 -20.32 -48.04 -3.12
C ASN A 188 -20.35 -47.88 -1.60
N SER A 189 -21.25 -47.03 -1.11
CA SER A 189 -21.44 -46.79 0.32
C SER A 189 -20.13 -46.37 1.00
N GLY A 190 -19.39 -45.48 0.35
CA GLY A 190 -18.17 -44.94 0.92
C GLY A 190 -16.91 -45.70 0.60
N ALA A 191 -17.01 -46.86 -0.05
CA ALA A 191 -15.80 -47.60 -0.41
C ALA A 191 -14.94 -46.81 -1.38
N LEU A 192 -15.56 -46.19 -2.39
CA LEU A 192 -14.82 -45.41 -3.38
C LEU A 192 -14.72 -43.95 -2.90
N THR A 193 -13.95 -43.79 -1.83
CA THR A 193 -13.84 -42.48 -1.20
C THR A 193 -13.04 -41.50 -2.06
N SER A 194 -11.92 -41.95 -2.62
CA SER A 194 -11.03 -41.09 -3.37
C SER A 194 -11.16 -41.35 -4.87
N GLY A 195 -11.34 -40.26 -5.62
CA GLY A 195 -11.45 -40.33 -7.07
C GLY A 195 -12.78 -39.89 -7.65
N VAL A 196 -13.57 -39.10 -6.94
CA VAL A 196 -14.89 -38.68 -7.41
C VAL A 196 -15.02 -37.18 -7.22
N HIS A 197 -15.81 -36.56 -8.09
CA HIS A 197 -16.16 -35.15 -7.98
C HIS A 197 -17.67 -34.97 -8.13
N THR A 198 -18.22 -34.14 -7.27
CA THR A 198 -19.62 -33.71 -7.35
C THR A 198 -19.65 -32.20 -7.55
N PHE A 199 -20.29 -31.77 -8.62
CA PHE A 199 -20.32 -30.37 -9.00
C PHE A 199 -21.43 -29.64 -8.25
N PRO A 200 -21.34 -28.32 -8.14
CA PRO A 200 -22.45 -27.56 -7.57
C PRO A 200 -23.69 -27.66 -8.46
N ALA A 201 -24.85 -27.65 -7.82
CA ALA A 201 -26.10 -27.70 -8.56
C ALA A 201 -26.30 -26.42 -9.37
N VAL A 202 -27.07 -26.53 -10.44
CA VAL A 202 -27.32 -25.41 -11.34
C VAL A 202 -28.82 -25.24 -11.49
N LEU A 203 -29.22 -24.03 -11.89
CA LEU A 203 -30.62 -23.64 -11.92
C LEU A 203 -31.43 -24.35 -13.01
N GLN A 204 -30.77 -25.05 -13.92
CA GLN A 204 -31.44 -25.82 -14.98
C GLN A 204 -32.33 -24.85 -15.77
N SER A 205 -33.61 -25.14 -15.96
CA SER A 205 -34.50 -24.26 -16.70
C SER A 205 -35.92 -24.41 -16.16
N SER A 206 -36.60 -23.28 -16.01
CA SER A 206 -37.96 -23.24 -15.46
C SER A 206 -38.01 -23.93 -14.09
N GLY A 207 -37.21 -23.41 -13.16
CA GLY A 207 -37.10 -24.05 -11.86
C GLY A 207 -36.33 -25.35 -11.93
N LEU A 208 -36.39 -26.08 -10.81
CA LEU A 208 -35.77 -27.40 -10.66
C LEU A 208 -34.24 -27.34 -10.78
N TYR A 209 -33.57 -28.45 -10.45
CA TYR A 209 -32.12 -28.49 -10.42
C TYR A 209 -31.60 -29.74 -11.11
N SER A 210 -30.33 -29.65 -11.55
CA SER A 210 -29.64 -30.75 -12.19
C SER A 210 -28.26 -30.91 -11.56
N LEU A 211 -27.73 -32.14 -11.61
CA LEU A 211 -26.46 -32.43 -10.95
C LEU A 211 -25.83 -33.65 -11.62
N SER A 212 -24.50 -33.70 -11.56
CA SER A 212 -23.75 -34.84 -12.07
C SER A 212 -22.63 -35.17 -11.10
N SER A 213 -22.33 -36.46 -10.97
CA SER A 213 -21.21 -36.91 -10.15
C SER A 213 -20.37 -37.88 -10.98
N VAL A 214 -19.06 -37.66 -11.01
CA VAL A 214 -18.19 -38.40 -11.94
C VAL A 214 -16.97 -38.96 -11.21
N VAL A 215 -16.60 -40.18 -11.56
CA VAL A 215 -15.49 -40.91 -10.94
C VAL A 215 -14.51 -41.34 -12.02
N THR A 216 -13.22 -41.08 -11.77
CA THR A 216 -12.19 -41.36 -12.78
C THR A 216 -11.84 -42.84 -12.85
N VAL A 217 -11.82 -43.54 -11.71
CA VAL A 217 -11.73 -45.00 -11.59
C VAL A 217 -10.73 -45.61 -12.57
N PRO A 218 -9.43 -45.50 -12.31
CA PRO A 218 -8.45 -46.06 -13.26
C PRO A 218 -8.62 -47.54 -13.54
N SER A 219 -9.03 -48.32 -12.53
CA SER A 219 -9.18 -49.75 -12.72
C SER A 219 -10.30 -50.07 -13.70
N SER A 220 -10.07 -51.06 -14.55
CA SER A 220 -11.02 -51.46 -15.58
C SER A 220 -11.61 -52.84 -15.34
N SER A 221 -11.41 -53.41 -14.15
CA SER A 221 -11.84 -54.78 -13.90
C SER A 221 -13.35 -54.90 -13.93
N LEU A 222 -13.85 -55.88 -14.68
CA LEU A 222 -15.30 -56.08 -14.78
C LEU A 222 -15.90 -56.56 -13.46
N GLY A 223 -15.10 -57.24 -12.64
CA GLY A 223 -15.60 -57.69 -11.35
C GLY A 223 -15.99 -56.54 -10.44
N THR A 224 -15.19 -55.48 -10.43
CA THR A 224 -15.47 -54.29 -9.64
C THR A 224 -16.26 -53.24 -10.39
N GLN A 225 -16.60 -53.49 -11.66
CA GLN A 225 -17.26 -52.51 -12.52
C GLN A 225 -18.69 -52.21 -12.10
N THR A 226 -19.18 -52.76 -11.00
CA THR A 226 -20.53 -52.49 -10.53
C THR A 226 -20.70 -51.00 -10.27
N TYR A 227 -19.96 -50.46 -9.29
CA TYR A 227 -19.85 -49.02 -9.04
C TYR A 227 -21.22 -48.34 -9.00
N ILE A 228 -22.09 -48.86 -8.14
CA ILE A 228 -23.43 -48.32 -8.03
C ILE A 228 -23.38 -46.92 -7.44
N CYS A 229 -24.23 -46.03 -7.94
CA CYS A 229 -24.39 -44.69 -7.39
C CYS A 229 -25.69 -44.62 -6.60
N ASN A 230 -25.59 -44.18 -5.35
CA ASN A 230 -26.73 -44.08 -4.45
C ASN A 230 -26.99 -42.61 -4.11
N VAL A 231 -28.23 -42.17 -4.32
CA VAL A 231 -28.58 -40.77 -4.10
C VAL A 231 -29.65 -40.69 -3.02
N ASN A 232 -29.63 -39.59 -2.27
CA ASN A 232 -30.59 -39.36 -1.19
C ASN A 232 -31.29 -38.03 -1.39
N HIS A 233 -32.62 -38.02 -1.24
CA HIS A 233 -33.45 -36.82 -1.33
C HIS A 233 -34.20 -36.74 0.00
N LYS A 234 -33.58 -36.09 0.99
CA LYS A 234 -34.14 -36.09 2.34
C LYS A 234 -35.49 -35.40 2.46
N PRO A 235 -35.69 -34.17 1.97
CA PRO A 235 -36.98 -33.51 2.21
C PRO A 235 -38.17 -34.24 1.62
N SER A 236 -38.00 -34.89 0.46
CA SER A 236 -39.08 -35.63 -0.16
C SER A 236 -39.06 -37.11 0.21
N ASN A 237 -38.14 -37.52 1.08
CA ASN A 237 -38.02 -38.91 1.53
C ASN A 237 -37.89 -39.87 0.35
N THR A 238 -36.80 -39.70 -0.40
CA THR A 238 -36.54 -40.52 -1.58
C THR A 238 -35.15 -41.13 -1.51
N LYS A 239 -35.05 -42.40 -1.89
CA LYS A 239 -33.78 -43.10 -1.93
C LYS A 239 -33.73 -43.90 -3.23
N VAL A 240 -32.78 -43.56 -4.09
CA VAL A 240 -32.63 -44.18 -5.40
C VAL A 240 -31.22 -44.74 -5.54
N ASP A 241 -31.11 -45.90 -6.16
CA ASP A 241 -29.83 -46.56 -6.42
C ASP A 241 -29.78 -46.99 -7.87
N LYS A 242 -28.67 -46.69 -8.54
CA LYS A 242 -28.54 -47.00 -9.95
C LYS A 242 -27.19 -47.65 -10.21
N LYS A 243 -27.11 -48.40 -11.31
CA LYS A 243 -25.91 -49.13 -11.68
C LYS A 243 -25.41 -48.62 -13.04
N VAL A 244 -24.13 -48.24 -13.09
CA VAL A 244 -23.52 -47.76 -14.33
C VAL A 244 -22.87 -48.97 -14.99
N GLU A 245 -23.65 -49.69 -15.77
CA GLU A 245 -23.13 -50.85 -16.48
C GLU A 245 -22.12 -50.40 -17.52
N PRO A 246 -20.95 -51.03 -17.60
CA PRO A 246 -19.92 -50.57 -18.55
C PRO A 246 -20.25 -50.90 -19.99
N LYS A 247 -21.43 -50.47 -20.45
CA LYS A 247 -21.87 -50.68 -21.83
C LYS A 247 -21.77 -52.14 -22.27
N GLN B 16 -0.04 -11.50 -38.99
CA GLN B 16 0.32 -10.21 -39.56
C GLN B 16 1.36 -9.50 -38.71
N VAL B 17 1.78 -10.16 -37.64
CA VAL B 17 2.77 -9.62 -36.72
C VAL B 17 4.03 -10.47 -36.85
N GLN B 18 5.10 -9.86 -37.34
CA GLN B 18 6.38 -10.56 -37.43
C GLN B 18 7.06 -10.53 -36.08
N LEU B 19 7.47 -11.70 -35.59
CA LEU B 19 8.00 -11.81 -34.23
C LEU B 19 8.87 -13.06 -34.14
N GLN B 20 10.16 -12.85 -33.90
CA GLN B 20 11.14 -13.92 -33.76
C GLN B 20 12.03 -13.64 -32.56
N GLU B 21 12.47 -14.71 -31.90
CA GLU B 21 13.31 -14.59 -30.72
C GLU B 21 14.78 -14.49 -31.12
N SER B 22 15.49 -13.58 -30.47
CA SER B 22 16.90 -13.36 -30.71
C SER B 22 17.71 -14.09 -29.65
N GLY B 23 18.55 -15.03 -30.08
CA GLY B 23 19.39 -15.77 -29.16
C GLY B 23 19.52 -17.22 -29.56
N GLY B 24 20.20 -18.01 -28.73
CA GLY B 24 20.36 -19.43 -28.99
C GLY B 24 21.76 -19.75 -29.49
N GLY B 25 21.84 -20.40 -30.64
CA GLY B 25 23.12 -20.75 -31.22
C GLY B 25 23.75 -21.98 -30.59
N LEU B 26 24.28 -21.83 -29.38
CA LEU B 26 25.00 -22.93 -28.74
C LEU B 26 25.05 -22.67 -27.23
N VAL B 27 25.35 -23.73 -26.48
CA VAL B 27 25.44 -23.65 -25.03
C VAL B 27 26.17 -24.88 -24.54
N GLN B 28 26.70 -24.81 -23.33
CA GLN B 28 27.36 -25.91 -22.64
C GLN B 28 26.72 -26.11 -21.29
N PRO B 29 26.83 -27.31 -20.71
CA PRO B 29 26.16 -27.59 -19.43
C PRO B 29 26.59 -26.62 -18.34
N GLY B 30 25.65 -26.28 -17.48
CA GLY B 30 25.85 -25.24 -16.48
C GLY B 30 25.99 -23.85 -17.07
N GLY B 31 25.20 -23.55 -18.12
CA GLY B 31 25.26 -22.26 -18.75
C GLY B 31 23.96 -21.47 -18.65
N SER B 32 23.81 -20.44 -19.47
CA SER B 32 22.62 -19.62 -19.45
C SER B 32 22.48 -18.90 -20.78
N LEU B 33 21.26 -18.44 -21.06
CA LEU B 33 20.99 -17.68 -22.28
C LEU B 33 19.94 -16.61 -21.97
N ARG B 34 19.46 -15.96 -23.03
CA ARG B 34 18.40 -14.96 -22.89
C ARG B 34 17.77 -14.72 -24.25
N LEU B 35 16.47 -15.01 -24.36
CA LEU B 35 15.74 -14.96 -25.63
C LEU B 35 14.57 -14.01 -25.52
N SER B 36 14.18 -13.42 -26.64
CA SER B 36 13.08 -12.46 -26.66
C SER B 36 12.54 -12.32 -28.07
N CYS B 37 11.27 -12.66 -28.27
CA CYS B 37 10.59 -12.35 -29.54
C CYS B 37 9.76 -11.08 -29.39
N ALA B 38 10.44 -10.01 -29.00
CA ALA B 38 9.78 -8.71 -28.89
C ALA B 38 9.19 -8.31 -30.23
N ALA B 39 7.94 -7.88 -30.22
CA ALA B 39 7.20 -7.63 -31.45
C ALA B 39 6.62 -6.22 -31.44
N SER B 40 6.36 -5.72 -32.64
CA SER B 40 5.77 -4.40 -32.87
C SER B 40 4.52 -4.56 -33.72
N GLY B 41 3.85 -3.43 -33.97
CA GLY B 41 2.60 -3.44 -34.70
C GLY B 41 1.43 -4.02 -33.92
N ARG B 42 1.62 -4.36 -32.64
CA ARG B 42 0.59 -4.95 -31.82
C ARG B 42 1.01 -4.75 -30.37
N THR B 43 0.27 -3.91 -29.64
CA THR B 43 0.65 -3.59 -28.27
C THR B 43 0.47 -4.81 -27.37
N ILE B 44 1.57 -5.27 -26.78
CA ILE B 44 1.53 -6.39 -25.83
C ILE B 44 0.81 -6.02 -24.54
N SER B 45 0.53 -4.73 -24.33
CA SER B 45 -0.09 -4.28 -23.08
C SER B 45 -1.48 -4.86 -22.88
N ARG B 46 -2.10 -5.40 -23.92
CA ARG B 46 -3.46 -5.91 -23.84
C ARG B 46 -3.55 -7.42 -24.02
N TYR B 47 -2.44 -8.15 -23.92
CA TYR B 47 -2.46 -9.59 -24.13
C TYR B 47 -1.38 -10.23 -23.26
N ALA B 48 -1.12 -11.51 -23.50
CA ALA B 48 -0.15 -12.28 -22.75
C ALA B 48 0.77 -13.02 -23.72
N MET B 49 1.97 -13.35 -23.27
CA MET B 49 2.98 -13.99 -24.10
C MET B 49 3.26 -15.39 -23.58
N SER B 50 3.19 -16.39 -24.47
CA SER B 50 3.34 -17.79 -24.08
C SER B 50 4.46 -18.43 -24.88
N TRP B 51 5.15 -19.38 -24.26
CA TRP B 51 6.35 -19.96 -24.83
C TRP B 51 6.30 -21.48 -24.79
N PHE B 52 7.01 -22.11 -25.72
CA PHE B 52 6.85 -23.53 -25.97
C PHE B 52 8.18 -24.19 -26.26
N ARG B 53 8.14 -25.48 -26.62
CA ARG B 53 9.36 -26.26 -26.86
C ARG B 53 8.99 -27.45 -27.73
N GLN B 54 9.59 -27.54 -28.90
CA GLN B 54 9.30 -28.61 -29.85
C GLN B 54 10.44 -29.62 -29.79
N ALA B 55 10.31 -30.61 -28.91
CA ALA B 55 11.27 -31.68 -28.85
C ALA B 55 11.17 -32.54 -30.11
N PRO B 56 12.28 -33.15 -30.55
CA PRO B 56 12.24 -34.00 -31.74
C PRO B 56 11.35 -35.22 -31.50
N GLY B 57 10.35 -35.38 -32.36
CA GLY B 57 9.42 -36.47 -32.25
C GLY B 57 8.27 -36.27 -31.27
N LYS B 58 8.10 -35.05 -30.76
CA LYS B 58 7.05 -34.77 -29.79
C LYS B 58 6.31 -33.49 -30.17
N GLU B 59 5.03 -33.44 -29.81
CA GLU B 59 4.23 -32.25 -30.02
C GLU B 59 4.71 -31.13 -29.10
N ARG B 60 4.45 -29.89 -29.51
CA ARG B 60 4.86 -28.74 -28.73
C ARG B 60 4.40 -28.85 -27.29
N GLU B 61 5.32 -28.58 -26.36
CA GLU B 61 5.05 -28.67 -24.93
C GLU B 61 5.17 -27.31 -24.28
N PHE B 62 4.29 -27.04 -23.33
CA PHE B 62 4.24 -25.75 -22.66
C PHE B 62 5.45 -25.55 -21.75
N VAL B 63 5.93 -24.31 -21.66
CA VAL B 63 7.10 -24.00 -20.85
C VAL B 63 6.80 -22.87 -19.86
N ALA B 64 6.33 -21.73 -20.37
CA ALA B 64 6.05 -20.59 -19.48
C ALA B 64 5.04 -19.66 -20.15
N VAL B 65 4.39 -18.85 -19.32
CA VAL B 65 3.43 -17.85 -19.78
C VAL B 65 3.53 -16.63 -18.88
N ALA B 66 3.46 -15.45 -19.50
CA ALA B 66 3.47 -14.19 -18.78
C ALA B 66 2.22 -13.42 -19.14
N ARG B 67 1.42 -13.07 -18.14
CA ARG B 67 0.17 -12.37 -18.34
C ARG B 67 0.46 -10.87 -18.50
N ARG B 68 -0.60 -10.06 -18.44
CA ARG B 68 -0.44 -8.62 -18.51
C ARG B 68 0.26 -8.11 -17.24
N SER B 69 0.60 -6.83 -17.26
CA SER B 69 1.39 -6.24 -16.18
C SER B 69 0.69 -6.38 -14.84
N GLY B 70 1.43 -6.83 -13.84
CA GLY B 70 0.89 -6.96 -12.51
C GLY B 70 -0.10 -8.08 -12.30
N ASP B 71 -0.03 -9.14 -13.09
CA ASP B 71 -0.93 -10.27 -12.95
C ASP B 71 -0.25 -11.59 -12.61
N GLY B 72 1.03 -11.74 -12.89
CA GLY B 72 1.77 -12.93 -12.53
C GLY B 72 2.25 -13.70 -13.75
N ALA B 73 3.19 -14.62 -13.48
CA ALA B 73 3.77 -15.47 -14.50
C ALA B 73 3.73 -16.92 -14.02
N PHE B 74 3.40 -17.83 -14.94
CA PHE B 74 3.25 -19.23 -14.61
C PHE B 74 4.23 -20.08 -15.41
N TYR B 75 4.68 -21.17 -14.79
CA TYR B 75 5.68 -22.05 -15.38
C TYR B 75 5.26 -23.50 -15.19
N ALA B 76 5.65 -24.34 -16.13
CA ALA B 76 5.40 -25.77 -16.03
C ALA B 76 6.40 -26.42 -15.09
N ASP B 77 6.12 -27.67 -14.72
CA ASP B 77 6.96 -28.36 -13.74
C ASP B 77 8.33 -28.69 -14.30
N SER B 78 8.47 -28.82 -15.62
CA SER B 78 9.76 -29.15 -16.20
C SER B 78 10.79 -28.05 -15.97
N VAL B 79 10.38 -26.79 -16.09
CA VAL B 79 11.30 -25.66 -16.06
C VAL B 79 11.05 -24.76 -14.86
N GLN B 80 10.20 -25.17 -13.93
CA GLN B 80 9.94 -24.33 -12.77
C GLN B 80 11.18 -24.23 -11.89
N GLY B 81 11.46 -23.02 -11.42
CA GLY B 81 12.63 -22.77 -10.59
C GLY B 81 13.92 -22.59 -11.34
N ARG B 82 13.90 -22.68 -12.67
CA ARG B 82 15.08 -22.50 -13.50
C ARG B 82 14.98 -21.32 -14.44
N PHE B 83 13.81 -21.09 -15.02
CA PHE B 83 13.62 -20.03 -16.00
C PHE B 83 13.02 -18.82 -15.32
N THR B 84 12.73 -17.79 -16.13
CA THR B 84 12.10 -16.57 -15.65
C THR B 84 11.62 -15.73 -16.83
N VAL B 85 10.39 -15.25 -16.78
CA VAL B 85 9.82 -14.44 -17.84
C VAL B 85 9.47 -13.07 -17.28
N SER B 86 9.96 -12.03 -17.93
CA SER B 86 9.63 -10.67 -17.59
C SER B 86 9.25 -9.92 -18.85
N ARG B 87 8.29 -9.00 -18.72
CA ARG B 87 7.77 -8.27 -19.86
C ARG B 87 7.82 -6.78 -19.58
N ASP B 88 8.09 -6.00 -20.63
CA ASP B 88 8.18 -4.55 -20.58
C ASP B 88 7.26 -4.01 -21.66
N ASP B 89 6.23 -3.27 -21.23
CA ASP B 89 5.20 -2.78 -22.15
C ASP B 89 5.70 -1.64 -23.01
N ALA B 90 6.49 -0.72 -22.43
CA ALA B 90 6.99 0.42 -23.19
C ALA B 90 7.89 -0.03 -24.33
N LYS B 91 8.78 -0.98 -24.08
CA LYS B 91 9.66 -1.53 -25.10
C LYS B 91 9.03 -2.72 -25.81
N ASN B 92 7.88 -3.21 -25.34
CA ASN B 92 7.21 -4.37 -25.93
C ASN B 92 8.14 -5.59 -25.99
N THR B 93 8.91 -5.80 -24.92
CA THR B 93 9.94 -6.82 -24.90
C THR B 93 9.65 -7.84 -23.80
N VAL B 94 9.64 -9.13 -24.16
CA VAL B 94 9.40 -10.21 -23.21
C VAL B 94 10.56 -11.19 -23.30
N TYR B 95 11.16 -11.52 -22.16
CA TYR B 95 12.42 -12.25 -22.12
C TYR B 95 12.27 -13.58 -21.40
N LEU B 96 13.18 -14.51 -21.71
CA LEU B 96 13.29 -15.79 -21.02
C LEU B 96 14.75 -15.99 -20.62
N GLN B 97 15.09 -15.62 -19.40
CA GLN B 97 16.43 -15.83 -18.86
C GLN B 97 16.48 -17.26 -18.34
N MET B 98 17.12 -18.15 -19.10
CA MET B 98 17.13 -19.57 -18.80
C MET B 98 18.51 -20.01 -18.38
N ASN B 99 18.57 -20.83 -17.32
CA ASN B 99 19.80 -21.29 -16.71
C ASN B 99 19.78 -22.81 -16.58
N SER B 100 20.93 -23.35 -16.18
CA SER B 100 21.05 -24.77 -15.81
C SER B 100 20.51 -25.69 -16.90
N LEU B 101 20.91 -25.42 -18.14
CA LEU B 101 20.38 -26.16 -19.27
C LEU B 101 20.82 -27.62 -19.21
N LYS B 102 20.00 -28.48 -19.80
CA LYS B 102 20.15 -29.92 -19.74
C LYS B 102 20.26 -30.50 -21.14
N PRO B 103 20.81 -31.71 -21.28
CA PRO B 103 20.91 -32.33 -22.61
C PRO B 103 19.57 -32.54 -23.31
N GLU B 104 18.48 -32.67 -22.56
CA GLU B 104 17.16 -32.83 -23.16
C GLU B 104 16.53 -31.50 -23.55
N ASP B 105 17.15 -30.38 -23.22
CA ASP B 105 16.62 -29.06 -23.54
C ASP B 105 16.71 -28.75 -25.03
N THR B 106 17.48 -29.52 -25.79
CA THR B 106 17.68 -29.24 -27.20
C THR B 106 16.36 -29.37 -27.96
N ALA B 107 15.79 -28.24 -28.37
CA ALA B 107 14.50 -28.20 -29.04
C ALA B 107 14.26 -26.79 -29.57
N VAL B 108 13.41 -26.71 -30.59
CA VAL B 108 13.10 -25.45 -31.26
C VAL B 108 12.07 -24.71 -30.43
N TYR B 109 12.42 -23.52 -29.96
CA TYR B 109 11.49 -22.70 -29.19
C TYR B 109 10.69 -21.82 -30.12
N TYR B 110 9.40 -21.65 -29.82
CA TYR B 110 8.54 -20.68 -30.47
C TYR B 110 7.94 -19.75 -29.41
N CYS B 111 7.02 -18.90 -29.85
CA CYS B 111 6.36 -17.97 -28.97
C CYS B 111 5.06 -17.52 -29.61
N ALA B 112 4.03 -17.32 -28.78
CA ALA B 112 2.72 -16.98 -29.27
C ALA B 112 2.09 -15.87 -28.43
N ILE B 113 1.18 -15.13 -29.05
CA ILE B 113 0.40 -14.10 -28.38
C ILE B 113 -1.07 -14.49 -28.50
N ASP B 114 -1.78 -14.47 -27.38
CA ASP B 114 -3.18 -14.86 -27.36
C ASP B 114 -4.05 -13.80 -28.04
N SER B 115 -5.30 -14.16 -28.31
CA SER B 115 -6.24 -13.28 -28.98
C SER B 115 -7.42 -12.90 -28.10
N ASP B 116 -7.28 -13.04 -26.78
CA ASP B 116 -8.38 -12.74 -25.88
C ASP B 116 -7.85 -12.07 -24.62
N THR B 117 -8.70 -11.25 -24.01
CA THR B 117 -8.37 -10.55 -22.78
C THR B 117 -8.90 -11.24 -21.53
N PHE B 118 -9.54 -12.40 -21.68
CA PHE B 118 -10.04 -13.17 -20.55
C PHE B 118 -9.12 -14.33 -20.19
N TYR B 119 -7.90 -14.35 -20.74
CA TYR B 119 -6.93 -15.41 -20.46
C TYR B 119 -7.44 -16.78 -20.89
N SER B 120 -8.27 -16.81 -21.93
CA SER B 120 -8.80 -18.06 -22.45
C SER B 120 -7.75 -18.73 -23.33
N GLY B 121 -8.14 -19.76 -24.06
CA GLY B 121 -7.22 -20.49 -24.89
C GLY B 121 -7.28 -20.12 -26.36
N SER B 122 -6.25 -19.46 -26.86
CA SER B 122 -6.17 -19.13 -28.28
C SER B 122 -4.72 -18.82 -28.61
N TYR B 123 -4.09 -19.64 -29.45
CA TYR B 123 -2.70 -19.46 -29.87
C TYR B 123 -2.68 -19.54 -31.40
N ASP B 124 -2.91 -18.41 -32.06
CA ASP B 124 -2.95 -18.34 -33.52
C ASP B 124 -1.69 -17.74 -34.11
N TYR B 125 -1.29 -16.56 -33.64
CA TYR B 125 -0.07 -15.93 -34.13
C TYR B 125 1.14 -16.67 -33.59
N TRP B 126 1.76 -17.48 -34.44
CA TRP B 126 2.95 -18.24 -34.07
C TRP B 126 4.18 -17.57 -34.64
N GLY B 127 5.27 -17.62 -33.87
CA GLY B 127 6.52 -17.08 -34.32
C GLY B 127 7.17 -17.92 -35.40
N GLN B 128 8.17 -17.32 -36.06
CA GLN B 128 8.84 -18.02 -37.16
C GLN B 128 9.62 -19.23 -36.66
N GLY B 129 10.16 -19.17 -35.44
CA GLY B 129 10.92 -20.27 -34.90
C GLY B 129 12.35 -19.90 -34.55
N THR B 130 12.79 -20.27 -33.35
CA THR B 130 14.14 -19.95 -32.89
C THR B 130 14.80 -21.22 -32.38
N GLN B 131 16.11 -21.32 -32.60
CA GLN B 131 16.87 -22.50 -32.25
C GLN B 131 17.71 -22.24 -31.01
N VAL B 132 17.60 -23.12 -30.02
CA VAL B 132 18.50 -23.16 -28.87
C VAL B 132 18.87 -24.63 -28.68
N THR B 133 20.00 -25.03 -29.26
CA THR B 133 20.48 -26.40 -29.10
C THR B 133 21.49 -26.47 -27.95
N VAL B 134 21.75 -27.69 -27.51
CA VAL B 134 22.70 -27.95 -26.44
C VAL B 134 23.75 -28.94 -26.95
N SER B 135 25.01 -28.66 -26.65
CA SER B 135 26.14 -29.48 -27.09
C SER B 135 26.12 -29.73 -28.60
N ASP C 21 -24.34 6.09 -4.67
CA ASP C 21 -23.56 7.22 -4.19
C ASP C 21 -22.32 6.74 -3.45
N ILE C 22 -21.20 7.44 -3.67
CA ILE C 22 -19.90 7.09 -3.10
C ILE C 22 -19.55 5.66 -3.46
N GLN C 23 -19.24 5.41 -4.73
CA GLN C 23 -18.86 4.09 -5.18
C GLN C 23 -17.44 3.76 -4.74
N MET C 24 -17.16 2.46 -4.58
CA MET C 24 -15.85 1.99 -4.18
C MET C 24 -15.40 0.90 -5.14
N THR C 25 -14.17 0.99 -5.62
CA THR C 25 -13.63 0.06 -6.59
C THR C 25 -12.45 -0.69 -5.99
N GLN C 26 -12.46 -2.01 -6.12
CA GLN C 26 -11.38 -2.87 -5.68
C GLN C 26 -10.65 -3.39 -6.91
N SER C 27 -9.35 -3.05 -7.03
CA SER C 27 -8.67 -3.26 -8.31
C SER C 27 -8.41 -4.74 -8.58
N PRO C 28 -7.64 -5.47 -7.77
CA PRO C 28 -7.41 -6.89 -8.08
C PRO C 28 -8.68 -7.71 -7.89
N SER C 29 -8.80 -8.78 -8.67
CA SER C 29 -9.98 -9.63 -8.63
C SER C 29 -9.68 -11.09 -8.37
N SER C 30 -8.45 -11.55 -8.58
CA SER C 30 -8.05 -12.91 -8.24
C SER C 30 -6.53 -12.96 -8.19
N LEU C 31 -5.97 -13.30 -7.04
CA LEU C 31 -4.53 -13.31 -6.82
C LEU C 31 -4.07 -14.72 -6.51
N SER C 32 -3.02 -15.16 -7.21
CA SER C 32 -2.39 -16.44 -6.95
C SER C 32 -1.07 -16.18 -6.24
N ALA C 33 -0.94 -16.65 -5.01
CA ALA C 33 0.27 -16.47 -4.24
C ALA C 33 0.49 -17.68 -3.34
N SER C 34 1.74 -17.95 -3.02
CA SER C 34 2.10 -19.09 -2.17
C SER C 34 2.42 -18.61 -0.76
N VAL C 35 2.78 -19.56 0.10
CA VAL C 35 3.11 -19.21 1.48
C VAL C 35 4.42 -18.43 1.52
N GLY C 36 4.55 -17.57 2.51
CA GLY C 36 5.71 -16.70 2.61
C GLY C 36 5.80 -15.69 1.49
N ASP C 37 4.67 -15.15 1.04
CA ASP C 37 4.63 -14.16 -0.03
C ASP C 37 3.97 -12.89 0.48
N ARG C 38 4.18 -11.81 -0.26
CA ARG C 38 3.65 -10.49 0.08
C ARG C 38 2.50 -10.16 -0.86
N VAL C 39 1.35 -9.78 -0.28
CA VAL C 39 0.18 -9.44 -1.07
C VAL C 39 -0.32 -8.06 -0.67
N THR C 40 -0.87 -7.36 -1.66
CA THR C 40 -1.35 -6.00 -1.50
C THR C 40 -2.64 -5.82 -2.30
N ILE C 41 -3.67 -5.29 -1.64
CA ILE C 41 -4.95 -5.02 -2.27
C ILE C 41 -5.22 -3.53 -2.21
N THR C 42 -5.69 -2.97 -3.32
CA THR C 42 -5.93 -1.54 -3.45
C THR C 42 -7.43 -1.27 -3.49
N CYS C 43 -7.83 -0.10 -2.99
CA CYS C 43 -9.21 0.31 -2.94
C CYS C 43 -9.30 1.79 -3.26
N ARG C 44 -10.30 2.17 -4.04
CA ARG C 44 -10.44 3.56 -4.47
C ARG C 44 -11.86 4.04 -4.23
N ALA C 45 -12.00 5.30 -3.86
CA ALA C 45 -13.27 5.92 -3.54
C ALA C 45 -13.54 7.10 -4.46
N SER C 46 -14.81 7.34 -4.77
CA SER C 46 -15.15 8.42 -5.70
C SER C 46 -15.10 9.78 -5.00
N GLN C 47 -15.76 9.90 -3.86
CA GLN C 47 -15.80 11.14 -3.10
C GLN C 47 -14.64 11.15 -2.11
N SER C 48 -14.72 11.98 -1.08
CA SER C 48 -13.58 12.23 -0.20
C SER C 48 -13.84 11.81 1.23
N VAL C 49 -14.34 10.58 1.44
CA VAL C 49 -14.48 10.05 2.79
C VAL C 49 -13.14 10.14 3.51
N SER C 50 -13.15 10.76 4.69
CA SER C 50 -11.90 11.16 5.34
C SER C 50 -11.02 9.97 5.70
N SER C 51 -11.42 9.20 6.71
CA SER C 51 -10.67 8.02 7.11
C SER C 51 -11.61 6.87 7.44
N ALA C 52 -12.81 6.88 6.87
CA ALA C 52 -13.84 5.91 7.19
C ALA C 52 -13.79 4.76 6.18
N VAL C 53 -12.81 3.87 6.38
CA VAL C 53 -12.74 2.63 5.63
C VAL C 53 -12.48 1.49 6.60
N ALA C 54 -12.92 0.29 6.20
CA ALA C 54 -12.77 -0.91 7.00
C ALA C 54 -12.59 -2.09 6.07
N TRP C 55 -11.81 -3.07 6.54
CA TRP C 55 -11.47 -4.25 5.76
C TRP C 55 -12.01 -5.50 6.44
N TYR C 56 -12.65 -6.36 5.66
CA TYR C 56 -13.36 -7.52 6.16
C TYR C 56 -12.84 -8.78 5.49
N GLN C 57 -12.91 -9.90 6.22
CA GLN C 57 -12.48 -11.20 5.72
C GLN C 57 -13.63 -12.18 5.86
N GLN C 58 -13.91 -12.92 4.79
CA GLN C 58 -14.99 -13.89 4.76
C GLN C 58 -14.48 -15.19 4.18
N LYS C 59 -14.73 -16.27 4.87
CA LYS C 59 -14.52 -17.65 4.47
C LYS C 59 -15.85 -18.28 4.05
N PRO C 60 -15.83 -19.26 3.16
CA PRO C 60 -17.09 -19.82 2.65
C PRO C 60 -17.97 -20.36 3.77
N GLY C 61 -19.26 -20.06 3.68
CA GLY C 61 -20.22 -20.47 4.68
C GLY C 61 -20.02 -19.87 6.05
N LYS C 62 -19.72 -18.57 6.13
CA LYS C 62 -19.51 -17.92 7.41
C LYS C 62 -19.71 -16.42 7.26
N ALA C 63 -19.95 -15.75 8.38
CA ALA C 63 -20.14 -14.33 8.41
C ALA C 63 -18.80 -13.60 8.41
N PRO C 64 -18.75 -12.38 7.87
CA PRO C 64 -17.49 -11.64 7.83
C PRO C 64 -17.03 -11.21 9.21
N LYS C 65 -15.72 -11.02 9.32
CA LYS C 65 -15.10 -10.53 10.54
C LYS C 65 -14.21 -9.33 10.21
N LEU C 66 -14.07 -8.43 11.18
CA LEU C 66 -13.38 -7.17 10.97
C LEU C 66 -11.88 -7.33 11.18
N LEU C 67 -11.10 -6.68 10.31
CA LEU C 67 -9.65 -6.70 10.41
C LEU C 67 -9.07 -5.32 10.69
N ILE C 68 -9.36 -4.32 9.86
CA ILE C 68 -8.77 -3.00 9.96
C ILE C 68 -9.89 -1.96 9.94
N TYR C 69 -9.80 -0.98 10.84
CA TYR C 69 -10.73 0.15 10.89
C TYR C 69 -9.94 1.45 10.97
N SER C 70 -10.57 2.53 10.52
CA SER C 70 -9.98 3.87 10.45
C SER C 70 -8.76 3.94 9.54
N ALA C 71 -8.66 2.99 8.60
CA ALA C 71 -7.65 2.93 7.55
C ALA C 71 -6.28 2.53 8.08
N SER C 72 -6.09 2.55 9.40
CA SER C 72 -4.91 1.94 10.01
C SER C 72 -5.24 1.71 11.49
N SER C 73 -5.65 0.49 11.83
CA SER C 73 -5.88 0.10 13.21
C SER C 73 -6.18 -1.38 13.24
N LEU C 74 -5.67 -2.06 14.25
CA LEU C 74 -5.82 -3.50 14.38
C LEU C 74 -6.89 -3.81 15.41
N TYR C 75 -7.85 -4.65 15.03
CA TYR C 75 -8.81 -5.15 15.98
C TYR C 75 -8.14 -6.12 16.95
N SER C 76 -8.76 -6.30 18.10
CA SER C 76 -8.24 -7.24 19.09
C SER C 76 -8.43 -8.67 18.60
N GLY C 77 -7.36 -9.47 18.67
CA GLY C 77 -7.40 -10.87 18.33
C GLY C 77 -6.91 -11.21 16.93
N VAL C 78 -6.83 -10.22 16.03
CA VAL C 78 -6.41 -10.48 14.66
C VAL C 78 -4.89 -10.66 14.64
N PRO C 79 -4.35 -11.41 13.69
CA PRO C 79 -2.89 -11.53 13.59
C PRO C 79 -2.25 -10.19 13.26
N SER C 80 -1.01 -10.03 13.71
CA SER C 80 -0.30 -8.76 13.57
C SER C 80 0.32 -8.57 12.19
N ARG C 81 0.25 -9.57 11.30
CA ARG C 81 0.81 -9.40 9.98
C ARG C 81 -0.01 -8.45 9.11
N PHE C 82 -1.31 -8.35 9.39
CA PHE C 82 -2.18 -7.50 8.59
C PHE C 82 -1.87 -6.03 8.81
N SER C 83 -1.89 -5.24 7.74
CA SER C 83 -1.63 -3.82 7.89
C SER C 83 -2.41 -3.05 6.85
N GLY C 84 -2.66 -1.77 7.13
CA GLY C 84 -3.41 -0.93 6.23
C GLY C 84 -2.85 0.48 6.21
N SER C 85 -3.11 1.17 5.11
CA SER C 85 -2.59 2.52 4.92
C SER C 85 -3.51 3.32 4.01
N ARG C 86 -3.39 4.64 4.12
CA ARG C 86 -4.20 5.58 3.36
C ARG C 86 -3.31 6.59 2.67
N SER C 87 -3.69 7.01 1.46
CA SER C 87 -3.00 8.07 0.74
C SER C 87 -4.07 8.78 -0.11
N GLY C 88 -4.45 9.98 0.33
CA GLY C 88 -5.47 10.74 -0.36
C GLY C 88 -6.81 10.05 -0.33
N THR C 89 -7.23 9.50 -1.47
CA THR C 89 -8.48 8.75 -1.57
C THR C 89 -8.21 7.29 -1.93
N ASP C 90 -6.97 6.82 -1.79
CA ASP C 90 -6.60 5.46 -2.13
C ASP C 90 -6.17 4.72 -0.87
N PHE C 91 -6.72 3.53 -0.66
CA PHE C 91 -6.47 2.76 0.54
C PHE C 91 -5.82 1.43 0.17
N THR C 92 -4.90 0.97 1.02
CA THR C 92 -4.10 -0.21 0.69
C THR C 92 -4.03 -1.15 1.87
N LEU C 93 -4.30 -2.43 1.63
CA LEU C 93 -4.21 -3.46 2.65
C LEU C 93 -3.10 -4.43 2.28
N THR C 94 -2.18 -4.67 3.20
CA THR C 94 -1.00 -5.48 2.94
C THR C 94 -0.93 -6.64 3.93
N ILE C 95 -0.50 -7.79 3.40
CA ILE C 95 -0.18 -8.96 4.22
C ILE C 95 1.23 -9.41 3.83
N SER C 96 2.08 -9.61 4.84
CA SER C 96 3.48 -9.94 4.58
C SER C 96 3.73 -11.44 4.64
N SER C 97 3.05 -12.16 5.53
CA SER C 97 3.17 -13.60 5.62
C SER C 97 1.83 -14.23 5.29
N LEU C 98 1.84 -15.17 4.34
CA LEU C 98 0.62 -15.84 3.89
C LEU C 98 0.55 -17.22 4.52
N GLN C 99 0.04 -17.26 5.75
CA GLN C 99 -0.22 -18.53 6.40
C GLN C 99 -1.41 -19.21 5.74
N PRO C 100 -1.57 -20.52 5.96
CA PRO C 100 -2.70 -21.22 5.33
C PRO C 100 -4.06 -20.65 5.67
N GLU C 101 -4.22 -20.05 6.84
CA GLU C 101 -5.51 -19.50 7.25
C GLU C 101 -5.88 -18.25 6.46
N ASP C 102 -4.94 -17.66 5.73
CA ASP C 102 -5.16 -16.39 5.05
C ASP C 102 -5.61 -16.56 3.60
N PHE C 103 -6.30 -17.65 3.27
CA PHE C 103 -6.85 -17.86 1.93
C PHE C 103 -8.37 -17.79 2.02
N ALA C 104 -8.91 -16.61 1.74
CA ALA C 104 -10.35 -16.36 1.80
C ALA C 104 -10.65 -15.13 0.94
N THR C 105 -11.84 -14.58 1.10
CA THR C 105 -12.25 -13.39 0.37
C THR C 105 -12.14 -12.16 1.25
N TYR C 106 -11.79 -11.03 0.65
CA TYR C 106 -11.58 -9.78 1.38
C TYR C 106 -12.45 -8.68 0.79
N TYR C 107 -13.01 -7.85 1.67
CA TYR C 107 -13.95 -6.82 1.27
C TYR C 107 -13.54 -5.47 1.86
N CYS C 108 -13.97 -4.41 1.16
CA CYS C 108 -13.70 -3.02 1.46
C CYS C 108 -15.02 -2.36 1.85
N GLN C 109 -14.98 -1.41 2.78
CA GLN C 109 -16.21 -0.73 3.16
C GLN C 109 -15.90 0.70 3.59
N GLN C 110 -16.86 1.59 3.32
CA GLN C 110 -16.83 2.96 3.83
C GLN C 110 -18.09 3.23 4.62
N TYR C 111 -17.95 3.94 5.74
CA TYR C 111 -19.04 4.12 6.69
C TYR C 111 -19.14 5.59 7.12
N LEU C 112 -19.18 6.49 6.14
CA LEU C 112 -19.24 7.92 6.46
C LEU C 112 -20.50 8.26 7.26
N TYR C 113 -21.64 7.68 6.90
CA TYR C 113 -22.87 7.91 7.65
C TYR C 113 -23.76 6.67 7.48
N TYR C 114 -24.79 6.59 8.32
CA TYR C 114 -25.54 5.35 8.50
C TYR C 114 -26.23 4.91 7.21
N SER C 115 -26.93 5.83 6.55
CA SER C 115 -27.66 5.48 5.34
C SER C 115 -26.79 5.50 4.08
N LEU C 116 -25.51 5.85 4.20
CA LEU C 116 -24.57 5.85 3.09
C LEU C 116 -23.50 4.82 3.39
N VAL C 117 -23.78 3.55 3.07
CA VAL C 117 -22.83 2.46 3.30
C VAL C 117 -22.77 1.61 2.04
N THR C 118 -21.55 1.43 1.51
CA THR C 118 -21.33 0.67 0.30
C THR C 118 -20.15 -0.27 0.48
N PHE C 119 -20.17 -1.37 -0.26
CA PHE C 119 -19.13 -2.38 -0.23
C PHE C 119 -18.43 -2.46 -1.58
N GLY C 120 -17.20 -2.97 -1.58
CA GLY C 120 -16.48 -3.24 -2.79
C GLY C 120 -16.90 -4.55 -3.43
N GLN C 121 -16.31 -4.84 -4.58
CA GLN C 121 -16.69 -6.03 -5.33
C GLN C 121 -16.16 -7.31 -4.69
N GLY C 122 -14.92 -7.28 -4.19
CA GLY C 122 -14.35 -8.45 -3.55
C GLY C 122 -13.13 -9.00 -4.25
N THR C 123 -12.13 -9.41 -3.47
CA THR C 123 -10.89 -9.96 -4.01
C THR C 123 -10.60 -11.30 -3.34
N LYS C 124 -10.32 -12.31 -4.15
CA LYS C 124 -10.10 -13.67 -3.67
C LYS C 124 -8.63 -14.05 -3.87
N VAL C 125 -8.04 -14.67 -2.84
CA VAL C 125 -6.66 -15.13 -2.88
C VAL C 125 -6.66 -16.65 -2.98
N GLU C 126 -5.87 -17.18 -3.90
CA GLU C 126 -5.87 -18.61 -4.20
C GLU C 126 -4.43 -19.12 -4.31
N ILE C 127 -4.30 -20.45 -4.20
CA ILE C 127 -2.98 -21.08 -4.22
C ILE C 127 -2.41 -21.06 -5.64
N LYS C 128 -1.08 -21.01 -5.71
CA LYS C 128 -0.34 -20.98 -6.97
C LYS C 128 0.39 -22.29 -7.18
N ARG C 129 0.42 -22.76 -8.41
CA ARG C 129 1.17 -23.97 -8.76
C ARG C 129 1.50 -23.92 -10.25
N THR C 130 2.01 -25.04 -10.76
CA THR C 130 2.36 -25.18 -12.16
C THR C 130 1.10 -25.39 -13.01
N VAL C 131 1.28 -25.31 -14.33
CA VAL C 131 0.18 -25.38 -15.28
C VAL C 131 0.02 -26.83 -15.74
N ALA C 132 -1.20 -27.34 -15.68
CA ALA C 132 -1.52 -28.67 -16.17
C ALA C 132 -2.45 -28.57 -17.37
N ALA C 133 -2.65 -29.72 -18.03
CA ALA C 133 -3.45 -29.78 -19.25
C ALA C 133 -4.74 -30.56 -19.02
N PRO C 134 -5.86 -30.05 -19.49
CA PRO C 134 -7.14 -30.71 -19.20
C PRO C 134 -7.30 -32.01 -19.96
N SER C 135 -7.60 -33.07 -19.21
CA SER C 135 -8.06 -34.33 -19.78
C SER C 135 -9.55 -34.23 -20.02
N VAL C 136 -9.98 -34.65 -21.21
CA VAL C 136 -11.36 -34.43 -21.66
C VAL C 136 -12.03 -35.76 -21.95
N PHE C 137 -13.32 -35.85 -21.62
CA PHE C 137 -14.15 -37.01 -21.95
C PHE C 137 -15.51 -36.53 -22.45
N ILE C 138 -16.19 -37.40 -23.18
CA ILE C 138 -17.53 -37.11 -23.69
C ILE C 138 -18.39 -38.35 -23.50
N PHE C 139 -19.59 -38.17 -22.93
CA PHE C 139 -20.47 -39.29 -22.68
C PHE C 139 -21.78 -39.15 -23.43
N PRO C 140 -22.18 -40.15 -24.20
CA PRO C 140 -23.43 -40.06 -24.98
C PRO C 140 -24.64 -40.36 -24.11
N PRO C 141 -25.84 -39.98 -24.56
CA PRO C 141 -27.05 -40.27 -23.78
C PRO C 141 -27.29 -41.76 -23.64
N SER C 142 -27.90 -42.14 -22.51
CA SER C 142 -28.30 -43.51 -22.27
C SER C 142 -29.72 -43.74 -22.79
N ASP C 143 -30.21 -44.98 -22.64
CA ASP C 143 -31.52 -45.32 -23.16
C ASP C 143 -32.64 -44.70 -22.32
N SER C 144 -32.44 -44.58 -21.01
CA SER C 144 -33.52 -44.13 -20.13
C SER C 144 -33.96 -42.70 -20.44
N GLN C 145 -32.99 -41.80 -20.64
CA GLN C 145 -33.35 -40.40 -20.88
C GLN C 145 -34.14 -40.26 -22.18
N LEU C 146 -33.68 -40.91 -23.25
CA LEU C 146 -34.38 -40.81 -24.51
C LEU C 146 -35.74 -41.51 -24.45
N LYS C 147 -35.86 -42.55 -23.63
CA LYS C 147 -37.17 -43.15 -23.40
C LYS C 147 -38.11 -42.18 -22.71
N SER C 148 -37.58 -41.41 -21.75
CA SER C 148 -38.41 -40.41 -21.07
C SER C 148 -38.87 -39.32 -22.02
N GLY C 149 -37.98 -38.82 -22.86
CA GLY C 149 -38.35 -37.78 -23.81
C GLY C 149 -37.33 -36.68 -23.99
N THR C 150 -36.32 -36.62 -23.13
CA THR C 150 -35.30 -35.57 -23.17
C THR C 150 -33.93 -36.22 -23.32
N ALA C 151 -33.08 -35.63 -24.15
CA ALA C 151 -31.73 -36.12 -24.38
C ALA C 151 -30.72 -35.07 -23.91
N SER C 152 -29.61 -35.56 -23.38
CA SER C 152 -28.57 -34.69 -22.83
C SER C 152 -27.21 -35.35 -22.94
N VAL C 153 -26.23 -34.59 -23.42
CA VAL C 153 -24.85 -35.03 -23.55
C VAL C 153 -23.99 -34.23 -22.58
N VAL C 154 -22.92 -34.83 -22.09
CA VAL C 154 -22.01 -34.18 -21.16
C VAL C 154 -20.58 -34.32 -21.68
N CYS C 155 -19.80 -33.25 -21.50
CA CYS C 155 -18.37 -33.25 -21.74
C CYS C 155 -17.66 -32.76 -20.49
N LEU C 156 -16.58 -33.45 -20.13
CA LEU C 156 -15.92 -33.28 -18.84
C LEU C 156 -14.47 -32.89 -19.04
N LEU C 157 -14.04 -31.87 -18.29
CA LEU C 157 -12.66 -31.43 -18.19
C LEU C 157 -12.15 -31.73 -16.79
N ASN C 158 -10.98 -32.34 -16.68
CA ASN C 158 -10.50 -32.83 -15.40
C ASN C 158 -9.08 -32.32 -15.12
N ASN C 159 -8.85 -31.84 -13.90
CA ASN C 159 -7.50 -31.60 -13.37
C ASN C 159 -6.71 -30.61 -14.23
N PHE C 160 -7.19 -29.37 -14.26
CA PHE C 160 -6.54 -28.32 -15.04
C PHE C 160 -6.28 -27.09 -14.17
N TYR C 161 -5.15 -26.45 -14.41
CA TYR C 161 -4.77 -25.20 -13.77
C TYR C 161 -4.09 -24.32 -14.80
N PRO C 162 -4.39 -23.01 -14.84
CA PRO C 162 -5.33 -22.26 -14.00
C PRO C 162 -6.80 -22.49 -14.34
N ARG C 163 -7.68 -21.59 -13.90
CA ARG C 163 -9.12 -21.85 -13.97
C ARG C 163 -9.68 -21.67 -15.37
N GLU C 164 -9.18 -20.69 -16.12
CA GLU C 164 -9.81 -20.31 -17.38
C GLU C 164 -9.74 -21.44 -18.41
N ALA C 165 -10.86 -21.68 -19.08
CA ALA C 165 -10.92 -22.68 -20.14
C ALA C 165 -12.14 -22.37 -21.00
N LYS C 166 -12.16 -22.93 -22.21
CA LYS C 166 -13.28 -22.71 -23.12
C LYS C 166 -13.69 -24.03 -23.74
N VAL C 167 -14.99 -24.35 -23.64
CA VAL C 167 -15.57 -25.54 -24.24
C VAL C 167 -16.55 -25.10 -25.30
N GLN C 168 -16.40 -25.65 -26.51
CA GLN C 168 -17.25 -25.30 -27.64
C GLN C 168 -17.94 -26.55 -28.16
N TRP C 169 -19.26 -26.50 -28.23
CA TRP C 169 -20.07 -27.59 -28.77
C TRP C 169 -20.36 -27.29 -30.23
N LYS C 170 -20.25 -28.31 -31.08
CA LYS C 170 -20.61 -28.20 -32.49
C LYS C 170 -21.57 -29.34 -32.83
N VAL C 171 -22.71 -28.97 -33.42
CA VAL C 171 -23.71 -29.94 -33.87
C VAL C 171 -23.68 -29.97 -35.39
N ASP C 172 -23.24 -31.11 -35.95
CA ASP C 172 -23.07 -31.27 -37.40
C ASP C 172 -22.26 -30.12 -37.99
N ASN C 173 -21.15 -29.79 -37.33
CA ASN C 173 -20.24 -28.72 -37.73
C ASN C 173 -20.90 -27.36 -37.74
N ALA C 174 -21.97 -27.18 -36.97
CA ALA C 174 -22.64 -25.89 -36.82
C ALA C 174 -22.63 -25.50 -35.35
N LEU C 175 -22.20 -24.27 -35.07
CA LEU C 175 -22.11 -23.82 -33.69
C LEU C 175 -23.50 -23.60 -33.10
N GLN C 176 -23.65 -23.94 -31.83
CA GLN C 176 -24.89 -23.77 -31.10
C GLN C 176 -24.61 -22.95 -29.84
N SER C 177 -25.45 -21.94 -29.60
CA SER C 177 -25.23 -20.99 -28.51
C SER C 177 -26.41 -20.99 -27.54
N GLY C 178 -26.94 -22.17 -27.23
CA GLY C 178 -28.03 -22.28 -26.28
C GLY C 178 -28.12 -23.67 -25.71
N ASN C 179 -28.82 -23.78 -24.58
CA ASN C 179 -29.07 -25.05 -23.90
C ASN C 179 -27.77 -25.73 -23.52
N SER C 180 -26.89 -24.98 -22.85
CA SER C 180 -25.64 -25.51 -22.32
C SER C 180 -25.39 -24.93 -20.96
N GLN C 181 -25.07 -25.78 -19.98
CA GLN C 181 -24.76 -25.35 -18.63
C GLN C 181 -23.37 -25.80 -18.23
N GLU C 182 -22.67 -24.94 -17.50
CA GLU C 182 -21.30 -25.17 -17.07
C GLU C 182 -21.24 -25.16 -15.54
N SER C 183 -20.57 -26.16 -14.97
CA SER C 183 -20.42 -26.28 -13.52
C SER C 183 -18.95 -26.50 -13.19
N VAL C 184 -18.42 -25.69 -12.27
CA VAL C 184 -17.01 -25.68 -11.94
C VAL C 184 -16.85 -25.99 -10.45
N THR C 185 -15.85 -26.81 -10.12
CA THR C 185 -15.57 -27.21 -8.75
C THR C 185 -14.55 -26.28 -8.11
N GLU C 186 -14.64 -26.15 -6.79
CA GLU C 186 -13.68 -25.35 -6.04
C GLU C 186 -12.33 -26.06 -5.98
N GLN C 187 -11.31 -25.30 -5.57
CA GLN C 187 -9.95 -25.82 -5.54
C GLN C 187 -9.85 -27.00 -4.58
N ASP C 188 -9.43 -28.15 -5.09
CA ASP C 188 -9.26 -29.33 -4.26
C ASP C 188 -7.97 -29.22 -3.45
N SER C 189 -7.85 -30.09 -2.44
CA SER C 189 -6.72 -30.06 -1.54
C SER C 189 -5.61 -31.04 -1.90
N LYS C 190 -5.91 -32.06 -2.72
CA LYS C 190 -4.88 -33.02 -3.09
C LYS C 190 -3.81 -32.38 -3.96
N ASP C 191 -4.22 -31.67 -5.03
CA ASP C 191 -3.25 -31.11 -5.96
C ASP C 191 -3.61 -29.72 -6.45
N SER C 192 -4.59 -29.06 -5.83
CA SER C 192 -4.97 -27.68 -6.16
C SER C 192 -5.41 -27.55 -7.61
N THR C 193 -6.32 -28.44 -8.02
CA THR C 193 -6.81 -28.49 -9.38
C THR C 193 -8.30 -28.14 -9.44
N TYR C 194 -8.80 -28.00 -10.66
CA TYR C 194 -10.21 -27.76 -10.94
C TYR C 194 -10.77 -28.84 -11.84
N SER C 195 -12.09 -29.02 -11.75
CA SER C 195 -12.83 -29.85 -12.69
C SER C 195 -13.98 -29.03 -13.24
N LEU C 196 -14.42 -29.37 -14.45
CA LEU C 196 -15.45 -28.63 -15.15
C LEU C 196 -16.36 -29.61 -15.87
N SER C 197 -17.65 -29.30 -15.88
CA SER C 197 -18.62 -30.15 -16.57
C SER C 197 -19.54 -29.28 -17.40
N SER C 198 -19.69 -29.60 -18.68
CA SER C 198 -20.58 -28.86 -19.57
C SER C 198 -21.62 -29.81 -20.14
N THR C 199 -22.88 -29.46 -19.99
CA THR C 199 -23.99 -30.32 -20.40
C THR C 199 -24.88 -29.60 -21.40
N LEU C 200 -25.22 -30.32 -22.48
CA LEU C 200 -26.05 -29.81 -23.55
C LEU C 200 -27.30 -30.68 -23.66
N THR C 201 -28.47 -30.06 -23.58
CA THR C 201 -29.75 -30.76 -23.58
C THR C 201 -30.58 -30.32 -24.77
N LEU C 202 -31.34 -31.26 -25.33
CA LEU C 202 -32.15 -31.00 -26.51
C LEU C 202 -33.46 -31.78 -26.39
N SER C 203 -34.22 -31.79 -27.48
CA SER C 203 -35.45 -32.57 -27.60
C SER C 203 -35.15 -33.92 -28.26
N LYS C 204 -36.16 -34.79 -28.26
CA LYS C 204 -36.01 -36.08 -28.92
C LYS C 204 -35.80 -35.90 -30.43
N ALA C 205 -36.60 -35.05 -31.06
CA ALA C 205 -36.51 -34.90 -32.51
C ALA C 205 -35.16 -34.33 -32.92
N ASP C 206 -34.67 -33.34 -32.17
CA ASP C 206 -33.40 -32.71 -32.53
C ASP C 206 -32.22 -33.66 -32.37
N TYR C 207 -32.37 -34.65 -31.49
CA TYR C 207 -31.28 -35.61 -31.29
C TYR C 207 -31.17 -36.60 -32.44
N GLU C 208 -32.22 -36.75 -33.25
CA GLU C 208 -32.18 -37.63 -34.41
C GLU C 208 -32.14 -36.88 -35.73
N LYS C 209 -32.45 -35.57 -35.74
CA LYS C 209 -32.39 -34.81 -36.98
C LYS C 209 -30.95 -34.60 -37.43
N HIS C 210 -30.07 -34.22 -36.52
CA HIS C 210 -28.66 -34.07 -36.82
C HIS C 210 -27.93 -35.38 -36.57
N LYS C 211 -26.65 -35.42 -36.95
CA LYS C 211 -25.86 -36.65 -36.84
C LYS C 211 -24.70 -36.52 -35.87
N VAL C 212 -23.81 -35.54 -36.06
CA VAL C 212 -22.54 -35.49 -35.34
C VAL C 212 -22.62 -34.44 -34.24
N TYR C 213 -22.23 -34.83 -33.03
CA TYR C 213 -22.06 -33.91 -31.92
C TYR C 213 -20.62 -33.97 -31.43
N ALA C 214 -19.98 -32.81 -31.30
CA ALA C 214 -18.60 -32.79 -30.90
C ALA C 214 -18.38 -31.68 -29.86
N CYS C 215 -17.38 -31.87 -29.02
CA CYS C 215 -16.97 -30.82 -28.09
C CYS C 215 -15.46 -30.65 -28.17
N GLU C 216 -15.03 -29.39 -28.19
CA GLU C 216 -13.63 -29.02 -28.31
C GLU C 216 -13.24 -28.11 -27.16
N VAL C 217 -11.99 -28.25 -26.73
CA VAL C 217 -11.48 -27.58 -25.54
C VAL C 217 -10.28 -26.73 -25.91
N THR C 218 -10.28 -25.49 -25.42
CA THR C 218 -9.14 -24.60 -25.51
C THR C 218 -8.71 -24.18 -24.11
N HIS C 219 -7.41 -24.22 -23.88
CA HIS C 219 -6.82 -23.84 -22.60
C HIS C 219 -5.43 -23.28 -22.85
N GLN C 220 -4.94 -22.50 -21.89
CA GLN C 220 -3.65 -21.82 -22.01
C GLN C 220 -2.46 -22.77 -22.04
N GLY C 221 -2.64 -24.04 -21.70
CA GLY C 221 -1.54 -24.98 -21.75
C GLY C 221 -1.42 -25.69 -23.07
N LEU C 222 -2.53 -26.28 -23.53
CA LEU C 222 -2.52 -27.00 -24.79
C LEU C 222 -2.29 -26.04 -25.96
N SER C 223 -1.47 -26.47 -26.91
CA SER C 223 -1.11 -25.60 -28.04
C SER C 223 -2.25 -25.50 -29.05
N SER C 224 -2.76 -26.63 -29.50
CA SER C 224 -3.91 -26.66 -30.38
C SER C 224 -5.11 -27.25 -29.65
N PRO C 225 -6.31 -26.70 -29.87
CA PRO C 225 -7.47 -27.18 -29.11
C PRO C 225 -7.78 -28.64 -29.38
N VAL C 226 -8.22 -29.35 -28.32
CA VAL C 226 -8.46 -30.78 -28.41
C VAL C 226 -9.93 -31.02 -28.75
N THR C 227 -10.23 -32.14 -29.38
CA THR C 227 -11.58 -32.39 -29.88
C THR C 227 -11.99 -33.84 -29.63
N LYS C 228 -13.25 -34.03 -29.26
CA LYS C 228 -13.84 -35.36 -29.14
C LYS C 228 -15.24 -35.33 -29.69
N SER C 229 -15.58 -36.31 -30.53
CA SER C 229 -16.83 -36.28 -31.27
C SER C 229 -17.50 -37.64 -31.22
N PHE C 230 -18.81 -37.65 -31.51
CA PHE C 230 -19.55 -38.89 -31.65
C PHE C 230 -20.76 -38.65 -32.55
N ASN C 231 -21.11 -39.68 -33.32
CA ASN C 231 -22.15 -39.61 -34.33
C ASN C 231 -23.18 -40.69 -34.07
N ARG C 232 -24.45 -40.30 -33.95
CA ARG C 232 -25.55 -41.23 -33.74
C ARG C 232 -26.89 -40.52 -33.84
N LYS D 351 53.62 52.49 4.12
CA LYS D 351 53.34 51.67 2.95
C LYS D 351 52.40 50.51 3.30
N ILE D 352 52.81 49.29 2.98
CA ILE D 352 51.92 48.13 3.15
C ILE D 352 52.14 47.49 4.51
N THR D 353 53.39 47.21 4.87
CA THR D 353 53.67 46.40 6.05
C THR D 353 53.41 47.17 7.36
N SER D 354 53.85 48.42 7.44
CA SER D 354 53.64 49.21 8.65
C SER D 354 52.15 49.43 8.89
N ALA D 355 51.42 49.83 7.84
CA ALA D 355 49.98 50.02 7.97
C ALA D 355 49.29 48.71 8.31
N PHE D 356 49.76 47.60 7.75
CA PHE D 356 49.20 46.30 8.07
C PHE D 356 49.35 45.98 9.55
N LYS D 357 50.54 46.22 10.10
CA LYS D 357 50.76 45.96 11.53
C LYS D 357 49.89 46.86 12.39
N TYR D 358 49.80 48.15 12.04
CA TYR D 358 48.98 49.07 12.83
C TYR D 358 47.51 48.66 12.80
N ILE D 359 46.98 48.35 11.61
CA ILE D 359 45.57 47.99 11.52
C ILE D 359 45.31 46.66 12.22
N ASN D 360 46.26 45.73 12.16
CA ASN D 360 46.06 44.46 12.85
C ASN D 360 46.01 44.66 14.36
N THR D 361 46.90 45.49 14.90
CA THR D 361 46.83 45.81 16.32
C THR D 361 45.51 46.47 16.68
N VAL D 362 45.05 47.41 15.84
CA VAL D 362 43.81 48.13 16.12
C VAL D 362 42.62 47.17 16.12
N ILE D 363 42.54 46.30 15.10
CA ILE D 363 41.39 45.40 15.00
C ILE D 363 41.40 44.42 16.17
N SER D 364 42.58 43.91 16.53
CA SER D 364 42.64 43.01 17.67
C SER D 364 42.16 43.70 18.95
N CYS D 365 42.65 44.91 19.19
CA CYS D 365 42.30 45.63 20.41
C CYS D 365 40.81 45.91 20.49
N THR D 366 40.20 46.33 19.38
CA THR D 366 38.76 46.61 19.40
C THR D 366 37.94 45.33 19.52
N ILE D 367 38.29 44.32 18.71
CA ILE D 367 37.52 43.09 18.67
C ILE D 367 37.52 42.39 20.01
N PHE D 368 38.62 42.52 20.77
CA PHE D 368 38.66 41.92 22.10
C PHE D 368 37.47 42.36 22.94
N ILE D 369 37.40 43.66 23.24
CA ILE D 369 36.34 44.17 24.10
C ILE D 369 34.98 44.02 23.46
N VAL D 370 34.89 44.13 22.13
CA VAL D 370 33.60 43.94 21.46
C VAL D 370 33.06 42.53 21.75
N GLY D 371 33.91 41.52 21.61
CA GLY D 371 33.50 40.16 21.88
C GLY D 371 33.13 39.94 23.33
N MET D 372 33.94 40.45 24.26
CA MET D 372 33.60 40.26 25.68
C MET D 372 32.27 40.91 26.02
N VAL D 373 32.04 42.14 25.56
CA VAL D 373 30.78 42.81 25.86
C VAL D 373 29.61 42.02 25.30
N GLY D 374 29.68 41.65 24.02
CA GLY D 374 28.56 40.98 23.40
C GLY D 374 28.24 39.66 24.07
N ASN D 375 29.26 38.83 24.30
CA ASN D 375 29.02 37.51 24.87
C ASN D 375 28.56 37.60 26.33
N ALA D 376 29.14 38.53 27.10
CA ALA D 376 28.70 38.68 28.48
C ALA D 376 27.25 39.13 28.55
N THR D 377 26.88 40.10 27.71
CA THR D 377 25.50 40.58 27.68
C THR D 377 24.53 39.45 27.35
N LEU D 378 24.83 38.70 26.28
CA LEU D 378 23.94 37.63 25.87
C LEU D 378 23.85 36.56 26.94
N LEU D 379 24.97 36.22 27.58
CA LEU D 379 24.96 35.21 28.63
C LEU D 379 24.10 35.65 29.80
N ARG D 380 24.23 36.92 30.22
CA ARG D 380 23.44 37.41 31.35
C ARG D 380 21.96 37.36 31.03
N ILE D 381 21.58 37.82 29.84
CA ILE D 381 20.16 37.80 29.48
C ILE D 381 19.64 36.37 29.46
N ILE D 382 20.40 35.45 28.88
CA ILE D 382 19.93 34.08 28.78
C ILE D 382 19.75 33.47 30.16
N TYR D 383 20.71 33.67 31.06
CA TYR D 383 20.62 32.97 32.34
C TYR D 383 19.70 33.66 33.34
N GLN D 384 19.33 34.92 33.12
CA GLN D 384 18.45 35.62 34.04
C GLN D 384 17.02 35.79 33.55
N ASN D 385 16.82 36.13 32.29
CA ASN D 385 15.48 36.41 31.78
C ASN D 385 14.67 35.12 31.75
N LYS D 386 13.60 35.07 32.54
CA LYS D 386 12.76 33.87 32.58
C LYS D 386 12.00 33.66 31.28
N CYS D 387 11.65 34.75 30.59
CA CYS D 387 10.96 34.62 29.31
C CYS D 387 11.90 34.21 28.19
N MET D 388 13.19 34.59 28.29
CA MET D 388 14.13 34.28 27.22
C MET D 388 14.36 32.78 27.08
N ARG D 389 14.44 32.05 28.19
CA ARG D 389 14.83 30.65 28.12
C ARG D 389 13.84 29.85 27.29
N ASN D 390 14.38 29.07 26.35
CA ASN D 390 13.60 28.30 25.39
C ASN D 390 14.56 27.32 24.73
N GLY D 391 14.11 26.68 23.65
CA GLY D 391 14.90 25.71 22.94
C GLY D 391 16.17 26.26 22.33
N PRO D 392 16.04 27.12 21.32
CA PRO D 392 17.24 27.65 20.65
C PRO D 392 18.12 28.52 21.53
N ASN D 393 17.60 29.04 22.64
CA ASN D 393 18.38 30.00 23.41
C ASN D 393 19.55 29.33 24.11
N ALA D 394 19.41 28.07 24.53
CA ALA D 394 20.54 27.36 25.10
C ALA D 394 21.67 27.21 24.08
N LEU D 395 21.34 26.87 22.83
CA LEU D 395 22.36 26.74 21.80
C LEU D 395 23.01 28.08 21.48
N ILE D 396 22.23 29.16 21.46
CA ILE D 396 22.80 30.48 21.22
C ILE D 396 23.75 30.88 22.35
N ALA D 397 23.36 30.60 23.59
CA ALA D 397 24.25 30.87 24.71
C ALA D 397 25.53 30.05 24.62
N SER D 398 25.40 28.80 24.15
CA SER D 398 26.58 27.97 23.94
C SER D 398 27.51 28.60 22.91
N LEU D 399 26.96 29.10 21.80
CA LEU D 399 27.78 29.78 20.80
C LEU D 399 28.50 30.97 21.41
N ALA D 400 27.78 31.77 22.20
CA ALA D 400 28.40 32.95 22.81
C ALA D 400 29.53 32.55 23.75
N LEU D 401 29.34 31.51 24.55
CA LEU D 401 30.37 31.11 25.49
C LEU D 401 31.58 30.52 24.78
N GLY D 402 31.35 29.75 23.71
CA GLY D 402 32.47 29.26 22.91
C GLY D 402 33.23 30.38 22.25
N ASP D 403 32.53 31.44 21.85
CA ASP D 403 33.18 32.64 21.33
C ASP D 403 34.03 33.31 22.40
N LEU D 404 33.50 33.40 23.62
CA LEU D 404 34.20 34.08 24.70
C LEU D 404 35.47 33.33 25.10
N ILE D 405 35.40 32.00 25.18
CA ILE D 405 36.55 31.23 25.62
C ILE D 405 37.70 31.24 24.62
N TYR D 406 37.47 31.77 23.41
CA TYR D 406 38.52 32.00 22.43
C TYR D 406 38.96 33.45 22.41
N VAL D 407 38.04 34.39 22.64
CA VAL D 407 38.38 35.80 22.50
C VAL D 407 39.03 36.39 23.74
N VAL D 408 39.02 35.67 24.86
CA VAL D 408 39.56 36.23 26.10
C VAL D 408 41.07 36.34 26.04
N ILE D 409 41.75 35.29 25.57
CA ILE D 409 43.20 35.21 25.68
C ILE D 409 43.91 35.28 24.33
N ASP D 410 43.27 34.84 23.25
CA ASP D 410 44.01 34.57 22.02
C ASP D 410 44.40 35.84 21.28
N LEU D 411 43.62 36.90 21.40
CA LEU D 411 43.96 38.14 20.70
C LEU D 411 45.05 38.94 21.40
N PRO D 412 45.10 39.00 22.75
CA PRO D 412 46.23 39.69 23.38
C PRO D 412 47.59 39.12 23.02
N ILE D 413 47.72 37.79 22.92
CA ILE D 413 49.01 37.22 22.56
C ILE D 413 49.31 37.48 21.09
N ASN D 414 48.30 37.57 20.25
CA ASN D 414 48.53 37.97 18.87
C ASN D 414 49.07 39.40 18.80
N VAL D 415 48.53 40.29 19.63
CA VAL D 415 49.07 41.66 19.70
C VAL D 415 50.50 41.64 20.25
N PHE D 416 50.76 40.76 21.22
CA PHE D 416 52.11 40.61 21.76
C PHE D 416 53.09 40.23 20.65
N LYS D 417 52.71 39.25 19.83
CA LYS D 417 53.56 38.85 18.72
C LYS D 417 53.70 39.98 17.71
N LEU D 418 52.64 40.74 17.49
CA LEU D 418 52.69 41.86 16.56
C LEU D 418 53.69 42.92 17.00
N LEU D 419 53.66 43.30 18.27
CA LEU D 419 54.47 44.40 18.78
C LEU D 419 55.77 43.95 19.45
N ALA D 420 56.10 42.67 19.42
CA ALA D 420 57.34 42.21 20.03
C ALA D 420 58.17 41.40 19.04
N GLY D 421 57.51 40.61 18.20
CA GLY D 421 58.18 39.71 17.30
C GLY D 421 58.58 38.39 17.92
N ARG D 422 58.51 38.26 19.23
CA ARG D 422 58.90 37.04 19.93
C ARG D 422 57.77 36.58 20.84
N TRP D 423 57.57 35.27 20.87
CA TRP D 423 56.58 34.68 21.76
C TRP D 423 56.96 34.98 23.21
N PRO D 424 55.99 35.27 24.07
CA PRO D 424 56.30 35.57 25.47
C PRO D 424 56.68 34.31 26.23
N PHE D 425 57.21 34.53 27.44
CA PHE D 425 57.56 33.45 28.36
C PHE D 425 58.59 32.48 27.76
N ASP D 426 59.51 32.99 26.95
CA ASP D 426 60.53 32.14 26.35
C ASP D 426 61.63 31.76 27.33
N HIS D 427 61.78 32.51 28.42
CA HIS D 427 62.84 32.20 29.39
C HIS D 427 62.53 30.95 30.21
N ASN D 428 61.26 30.57 30.33
CA ASN D 428 60.87 29.40 31.09
C ASN D 428 60.82 28.19 30.17
N ASP D 429 60.26 27.08 30.65
CA ASP D 429 60.13 25.86 29.87
C ASP D 429 58.70 25.54 29.48
N PHE D 430 57.71 25.95 30.28
CA PHE D 430 56.32 25.71 29.93
C PHE D 430 55.88 26.48 28.69
N GLY D 431 56.46 27.66 28.45
CA GLY D 431 56.02 28.57 27.41
C GLY D 431 55.91 27.95 26.03
N VAL D 432 56.36 26.71 25.87
CA VAL D 432 56.23 26.04 24.58
C VAL D 432 54.78 25.71 24.28
N PHE D 433 54.05 25.20 25.28
CA PHE D 433 52.72 24.66 24.99
C PHE D 433 51.71 25.72 24.63
N LEU D 434 52.05 27.00 24.82
CA LEU D 434 51.20 28.07 24.32
C LEU D 434 51.08 28.01 22.81
N CYS D 435 52.19 27.75 22.11
CA CYS D 435 52.10 27.58 20.68
C CYS D 435 51.35 26.31 20.30
N LYS D 436 51.03 25.48 21.28
CA LYS D 436 50.05 24.40 21.11
C LYS D 436 48.64 24.83 21.48
N LEU D 437 48.49 25.66 22.52
CA LEU D 437 47.17 26.08 22.95
C LEU D 437 46.57 27.10 22.00
N PHE D 438 47.41 27.94 21.39
CA PHE D 438 46.91 28.91 20.42
C PHE D 438 46.19 28.25 19.24
N PRO D 439 46.74 27.22 18.59
CA PRO D 439 45.95 26.54 17.55
C PRO D 439 44.97 25.52 18.09
N PHE D 440 45.13 25.08 19.34
CA PHE D 440 44.17 24.13 19.91
C PHE D 440 42.79 24.76 20.03
N LEU D 441 42.72 25.95 20.62
CA LEU D 441 41.44 26.60 20.87
C LEU D 441 40.73 26.93 19.56
N GLN D 442 41.44 27.52 18.60
CA GLN D 442 40.79 28.04 17.40
C GLN D 442 40.02 26.94 16.67
N LYS D 443 40.70 25.84 16.35
CA LYS D 443 40.03 24.77 15.62
C LYS D 443 38.92 24.13 16.44
N SER D 444 38.94 24.30 17.77
CA SER D 444 37.81 23.87 18.56
C SER D 444 36.61 24.77 18.33
N SER D 445 36.83 26.09 18.41
CA SER D 445 35.70 27.02 18.40
C SER D 445 34.90 26.90 17.12
N VAL D 446 35.57 26.80 15.98
CA VAL D 446 34.85 26.70 14.71
C VAL D 446 33.95 25.48 14.72
N GLY D 447 34.42 24.37 15.29
CA GLY D 447 33.55 23.20 15.38
C GLY D 447 32.27 23.51 16.11
N ILE D 448 32.37 24.22 17.23
CA ILE D 448 31.18 24.57 17.99
C ILE D 448 30.22 25.37 17.14
N THR D 449 30.75 26.26 16.30
CA THR D 449 29.88 27.10 15.49
C THR D 449 29.31 26.32 14.31
N VAL D 450 29.96 25.22 13.91
CA VAL D 450 29.51 24.52 12.71
C VAL D 450 28.40 23.54 13.06
N LEU D 451 28.69 22.57 13.94
CA LEU D 451 27.71 21.54 14.27
C LEU D 451 26.44 22.16 14.83
N ASN D 452 26.56 23.23 15.62
CA ASN D 452 25.39 23.90 16.15
C ASN D 452 24.50 24.41 15.03
N LEU D 453 25.09 24.98 13.98
CA LEU D 453 24.28 25.48 12.87
C LEU D 453 23.69 24.34 12.05
N CYS D 454 24.09 23.10 12.30
CA CYS D 454 23.32 21.97 11.80
C CYS D 454 22.16 21.66 12.73
N ALA D 455 22.40 21.68 14.05
CA ALA D 455 21.35 21.36 15.02
C ALA D 455 20.20 22.35 14.91
N LEU D 456 20.49 23.65 14.78
CA LEU D 456 19.44 24.63 14.60
C LEU D 456 18.60 24.30 13.37
N SER D 457 19.23 23.74 12.33
CA SER D 457 18.46 23.32 11.17
C SER D 457 17.73 22.01 11.43
N VAL D 458 18.31 21.12 12.24
CA VAL D 458 17.68 19.84 12.51
C VAL D 458 16.44 20.03 13.38
N ASP D 459 16.56 20.82 14.45
CA ASP D 459 15.45 20.98 15.38
C ASP D 459 14.34 21.85 14.81
N ARG D 460 14.69 22.93 14.11
CA ARG D 460 13.68 23.86 13.63
C ARG D 460 12.70 23.17 12.69
N TYR D 461 13.20 22.27 11.85
CA TYR D 461 12.30 21.51 10.99
C TYR D 461 11.41 20.58 11.80
N ARG D 462 11.97 19.94 12.84
CA ARG D 462 11.20 18.96 13.61
C ARG D 462 9.97 19.60 14.24
N ALA D 463 10.09 20.85 14.70
CA ALA D 463 8.93 21.54 15.25
C ALA D 463 7.86 21.74 14.18
N VAL D 464 8.27 22.09 12.96
CA VAL D 464 7.28 22.31 11.90
C VAL D 464 6.65 20.99 11.47
N ALA D 465 7.44 19.93 11.39
CA ALA D 465 6.94 18.62 11.01
C ALA D 465 6.03 18.04 12.09
N PRO D 476 15.84 20.66 27.02
CA PRO D 476 15.75 19.69 28.10
C PRO D 476 16.89 18.67 28.07
N LEU D 477 16.55 17.39 28.24
CA LEU D 477 17.57 16.34 28.22
C LEU D 477 18.22 16.21 26.85
N VAL D 478 17.43 16.28 25.79
CA VAL D 478 17.97 16.11 24.44
C VAL D 478 18.94 17.24 24.10
N THR D 479 18.58 18.48 24.45
CA THR D 479 19.46 19.61 24.19
C THR D 479 20.77 19.48 24.95
N ALA D 480 20.70 19.08 26.23
CA ALA D 480 21.91 18.91 27.03
C ALA D 480 22.80 17.81 26.45
N ILE D 481 22.20 16.69 26.06
CA ILE D 481 22.97 15.59 25.48
C ILE D 481 23.64 16.05 24.18
N GLU D 482 22.90 16.74 23.32
CA GLU D 482 23.47 17.22 22.07
C GLU D 482 24.60 18.19 22.32
N ILE D 483 24.44 19.11 23.28
CA ILE D 483 25.48 20.10 23.57
C ILE D 483 26.74 19.40 24.07
N VAL D 484 26.58 18.45 24.99
CA VAL D 484 27.73 17.74 25.54
C VAL D 484 28.44 16.96 24.45
N SER D 485 27.68 16.26 23.61
CA SER D 485 28.29 15.48 22.52
C SER D 485 29.03 16.38 21.55
N ILE D 486 28.43 17.52 21.19
CA ILE D 486 29.07 18.44 20.25
C ILE D 486 30.37 18.97 20.83
N TRP D 487 30.35 19.37 22.10
CA TRP D 487 31.56 19.90 22.72
C TRP D 487 32.65 18.84 22.80
N ILE D 488 32.28 17.62 23.19
CA ILE D 488 33.27 16.55 23.30
C ILE D 488 33.87 16.23 21.94
N LEU D 489 33.05 16.12 20.91
CA LEU D 489 33.55 15.81 19.58
C LEU D 489 34.46 16.91 19.06
N SER D 490 34.07 18.18 19.25
CA SER D 490 34.90 19.29 18.79
C SER D 490 36.24 19.31 19.51
N PHE D 491 36.23 19.09 20.82
CA PHE D 491 37.50 19.05 21.57
C PHE D 491 38.37 17.90 21.11
N ILE D 492 37.77 16.73 20.87
CA ILE D 492 38.54 15.56 20.44
C ILE D 492 39.19 15.81 19.08
N LEU D 493 38.44 16.42 18.16
CA LEU D 493 38.95 16.59 16.81
C LEU D 493 40.07 17.62 16.71
N ALA D 494 40.35 18.36 17.78
CA ALA D 494 41.32 19.44 17.74
C ALA D 494 42.64 19.10 18.42
N ILE D 495 42.88 17.83 18.74
CA ILE D 495 44.12 17.42 19.40
C ILE D 495 45.28 17.35 18.41
N PRO D 496 45.09 16.88 17.15
CA PRO D 496 46.21 16.90 16.19
C PRO D 496 46.87 18.26 16.02
N GLU D 497 46.06 19.33 15.97
CA GLU D 497 46.64 20.65 15.79
C GLU D 497 47.47 21.05 17.00
N ALA D 498 47.05 20.61 18.19
CA ALA D 498 47.85 20.82 19.39
C ALA D 498 49.16 20.04 19.33
N ILE D 499 49.10 18.79 18.86
CA ILE D 499 50.30 17.96 18.84
C ILE D 499 51.25 18.37 17.72
N GLY D 500 50.77 19.15 16.76
CA GLY D 500 51.60 19.55 15.63
C GLY D 500 52.63 20.62 15.90
N PHE D 501 52.21 21.73 16.50
CA PHE D 501 53.12 22.83 16.76
C PHE D 501 54.12 22.46 17.85
N VAL D 502 55.37 22.88 17.65
CA VAL D 502 56.45 22.58 18.58
C VAL D 502 57.55 23.59 18.34
N MET D 503 58.43 23.76 19.33
CA MET D 503 59.45 24.80 19.28
C MET D 503 60.46 24.48 18.17
N VAL D 504 60.94 25.53 17.50
CA VAL D 504 61.99 25.37 16.49
C VAL D 504 63.10 26.38 16.75
N PRO D 505 64.35 26.07 16.40
CA PRO D 505 65.45 27.02 16.68
C PRO D 505 65.82 27.92 15.50
N PHE D 506 66.45 29.05 15.82
CA PHE D 506 67.10 29.90 14.83
C PHE D 506 68.07 30.80 15.56
N GLU D 507 68.93 31.47 14.81
CA GLU D 507 69.90 32.40 15.37
C GLU D 507 69.41 33.84 15.20
N TYR D 508 69.22 34.54 16.32
CA TYR D 508 68.83 35.95 16.28
C TYR D 508 69.35 36.63 17.53
N ARG D 509 69.84 37.86 17.37
CA ARG D 509 70.45 38.63 18.44
C ARG D 509 71.59 37.87 19.13
N GLY D 510 72.19 36.91 18.43
CA GLY D 510 73.26 36.12 18.99
C GLY D 510 72.83 34.93 19.81
N GLU D 511 71.53 34.65 19.90
CA GLU D 511 71.04 33.52 20.69
C GLU D 511 70.14 32.64 19.83
N GLN D 512 70.02 31.38 20.24
CA GLN D 512 69.14 30.43 19.58
C GLN D 512 67.72 30.68 20.09
N HIS D 513 67.03 31.57 19.39
CA HIS D 513 65.66 31.90 19.74
C HIS D 513 64.68 31.16 18.83
N LYS D 514 63.42 31.15 19.24
CA LYS D 514 62.44 30.22 18.71
C LYS D 514 61.23 30.93 18.13
N THR D 515 60.66 30.33 17.08
CA THR D 515 59.42 30.79 16.48
C THR D 515 58.47 29.60 16.34
N CYS D 516 57.20 29.82 16.67
CA CYS D 516 56.25 28.72 16.72
C CYS D 516 55.81 28.37 15.30
N MET D 517 56.00 27.11 14.92
CA MET D 517 55.79 26.70 13.54
C MET D 517 55.62 25.19 13.51
N LEU D 518 55.02 24.70 12.42
CA LEU D 518 54.69 23.28 12.29
C LEU D 518 55.88 22.52 11.70
N ASN D 519 56.28 21.45 12.39
CA ASN D 519 57.43 20.64 12.00
C ASN D 519 57.02 19.19 11.89
N ALA D 520 57.63 18.48 10.94
CA ALA D 520 57.34 17.07 10.70
C ALA D 520 58.13 16.23 11.70
N THR D 521 57.44 15.72 12.72
CA THR D 521 58.09 14.96 13.78
C THR D 521 57.65 13.51 13.82
N SER D 522 56.36 13.23 13.91
CA SER D 522 55.85 11.87 14.00
C SER D 522 54.86 11.61 12.86
N LYS D 523 54.95 10.40 12.29
CA LYS D 523 54.22 10.08 11.06
C LYS D 523 52.76 10.51 11.11
N PHE D 524 52.17 10.54 12.30
CA PHE D 524 50.81 11.06 12.43
C PHE D 524 50.75 12.52 11.98
N MET D 525 51.74 13.32 12.39
CA MET D 525 51.76 14.72 11.97
C MET D 525 51.99 14.85 10.47
N GLU D 526 52.84 14.00 9.89
CA GLU D 526 53.01 14.00 8.45
C GLU D 526 51.70 13.72 7.73
N PHE D 527 51.01 12.64 8.11
CA PHE D 527 49.75 12.33 7.48
C PHE D 527 48.72 13.43 7.72
N TYR D 528 48.85 14.16 8.83
CA TYR D 528 47.98 15.31 9.05
C TYR D 528 48.26 16.43 8.08
N GLN D 529 49.54 16.76 7.85
CA GLN D 529 49.86 17.92 7.02
C GLN D 529 49.67 17.64 5.53
N ASP D 530 49.65 16.37 5.12
CA ASP D 530 49.31 16.07 3.74
C ASP D 530 47.92 16.55 3.36
N VAL D 531 46.92 16.29 4.20
CA VAL D 531 45.54 16.48 3.75
C VAL D 531 44.73 17.33 4.73
N LYS D 532 45.40 18.10 5.58
CA LYS D 532 44.67 18.95 6.51
C LYS D 532 43.83 20.00 5.80
N ASP D 533 44.37 20.62 4.74
CA ASP D 533 43.64 21.67 4.05
C ASP D 533 42.34 21.13 3.45
N TRP D 534 42.43 20.01 2.74
CA TRP D 534 41.25 19.45 2.11
C TRP D 534 40.27 18.87 3.12
N TRP D 535 40.76 18.32 4.24
CA TRP D 535 39.84 17.85 5.27
C TRP D 535 39.08 19.02 5.89
N LEU D 536 39.79 20.13 6.14
CA LEU D 536 39.12 21.32 6.65
C LEU D 536 38.06 21.82 5.68
N PHE D 537 38.39 21.86 4.39
CA PHE D 537 37.40 22.28 3.39
C PHE D 537 36.20 21.33 3.39
N GLY D 538 36.47 20.03 3.37
CA GLY D 538 35.39 19.06 3.23
C GLY D 538 34.51 18.93 4.45
N PHE D 539 35.00 19.33 5.62
CA PHE D 539 34.20 19.25 6.83
C PHE D 539 33.58 20.58 7.24
N TYR D 540 34.40 21.62 7.39
CA TYR D 540 33.95 22.86 8.02
C TYR D 540 33.26 23.82 7.06
N PHE D 541 33.20 23.50 5.76
CA PHE D 541 32.46 24.35 4.84
C PHE D 541 31.69 23.58 3.78
N CYS D 542 31.52 22.26 3.92
CA CYS D 542 30.80 21.48 2.93
C CYS D 542 29.51 20.87 3.47
N MET D 543 29.57 20.07 4.54
CA MET D 543 28.39 19.35 4.99
C MET D 543 27.29 20.28 5.51
N PRO D 544 27.57 21.28 6.36
CA PRO D 544 26.46 22.13 6.84
C PRO D 544 25.76 22.87 5.73
N LEU D 545 26.51 23.36 4.75
CA LEU D 545 25.94 24.18 3.69
C LEU D 545 24.99 23.41 2.79
N VAL D 546 24.98 22.08 2.88
CA VAL D 546 24.02 21.26 2.16
C VAL D 546 22.92 20.74 3.08
N CYS D 547 23.28 20.32 4.30
CA CYS D 547 22.28 19.80 5.22
C CYS D 547 21.26 20.88 5.58
N THR D 548 21.73 22.09 5.85
CA THR D 548 20.82 23.18 6.19
C THR D 548 19.87 23.48 5.03
N ALA D 549 20.39 23.49 3.80
CA ALA D 549 19.54 23.75 2.64
C ALA D 549 18.48 22.66 2.46
N ILE D 550 18.88 21.40 2.65
CA ILE D 550 17.92 20.30 2.51
C ILE D 550 16.81 20.44 3.54
N PHE D 551 17.19 20.72 4.79
CA PHE D 551 16.19 20.85 5.84
C PHE D 551 15.30 22.07 5.60
N TYR D 552 15.86 23.15 5.05
CA TYR D 552 15.05 24.32 4.73
C TYR D 552 14.00 23.98 3.68
N THR D 553 14.39 23.26 2.63
CA THR D 553 13.43 22.86 1.60
C THR D 553 12.32 22.01 2.20
N LEU D 554 12.70 21.03 3.03
CA LEU D 554 11.70 20.17 3.66
C LEU D 554 10.73 21.00 4.51
N MET D 555 11.25 21.92 5.31
CA MET D 555 10.41 22.72 6.18
C MET D 555 9.45 23.59 5.38
N THR D 556 9.94 24.23 4.31
CA THR D 556 9.08 25.08 3.50
C THR D 556 7.95 24.28 2.87
N CYS D 557 8.29 23.10 2.32
CA CYS D 557 7.25 22.27 1.70
C CYS D 557 6.19 21.86 2.71
N GLU D 558 6.62 21.43 3.90
CA GLU D 558 5.66 20.99 4.91
C GLU D 558 4.75 22.14 5.35
N ALA D 559 5.32 23.32 5.56
CA ALA D 559 4.50 24.46 5.96
C ALA D 559 3.47 24.81 4.90
N ARG D 560 3.89 24.82 3.63
CA ARG D 560 2.94 25.13 2.55
C ARG D 560 1.81 24.11 2.52
N ARG D 561 2.14 22.82 2.68
CA ARG D 561 1.11 21.79 2.66
C ARG D 561 0.11 21.99 3.79
N GLN D 562 0.59 22.29 5.00
CA GLN D 562 -0.32 22.47 6.13
C GLN D 562 -1.25 23.67 5.92
N LEU D 563 -0.70 24.79 5.43
CA LEU D 563 -1.55 25.94 5.14
C LEU D 563 -2.62 25.59 4.12
N ALA D 564 -2.23 24.87 3.07
CA ALA D 564 -3.19 24.51 2.03
C ALA D 564 -4.33 23.66 2.60
N ASP D 565 -3.98 22.66 3.42
CA ASP D 565 -5.01 21.77 3.97
C ASP D 565 -5.98 22.54 4.87
N LEU D 566 -5.45 23.36 5.77
CA LEU D 566 -6.32 24.11 6.69
C LEU D 566 -7.25 25.04 5.91
N GLU D 567 -6.69 25.78 4.95
CA GLU D 567 -7.51 26.72 4.18
C GLU D 567 -8.59 25.97 3.39
N ASP D 568 -8.23 24.81 2.81
CA ASP D 568 -9.20 24.05 2.04
C ASP D 568 -10.37 23.60 2.91
N ASN D 569 -10.09 23.09 4.11
CA ASN D 569 -11.17 22.63 4.97
C ASN D 569 -12.08 23.78 5.37
N TRP D 570 -11.51 24.92 5.77
CA TRP D 570 -12.34 26.05 6.17
C TRP D 570 -13.19 26.56 5.00
N GLU D 571 -12.59 26.67 3.82
CA GLU D 571 -13.33 27.14 2.65
C GLU D 571 -14.46 26.18 2.30
N THR D 572 -14.21 24.87 2.41
CA THR D 572 -15.26 23.89 2.17
C THR D 572 -16.43 24.12 3.10
N LEU D 573 -16.16 24.28 4.40
CA LEU D 573 -17.24 24.50 5.35
C LEU D 573 -18.06 25.76 4.98
N ASN D 574 -17.37 26.87 4.70
CA ASN D 574 -18.09 28.11 4.43
C ASN D 574 -18.91 28.02 3.14
N ASP D 575 -18.33 27.49 2.07
CA ASP D 575 -19.06 27.43 0.80
C ASP D 575 -20.24 26.48 0.90
N ASN D 576 -20.08 25.38 1.65
CA ASN D 576 -21.22 24.49 1.84
C ASN D 576 -22.33 25.16 2.63
N LEU D 577 -21.97 25.95 3.64
CA LEU D 577 -22.98 26.74 4.34
C LEU D 577 -23.75 27.62 3.35
N LYS D 578 -23.02 28.33 2.50
CA LYS D 578 -23.67 29.22 1.54
C LYS D 578 -24.56 28.44 0.58
N VAL D 579 -24.12 27.26 0.15
CA VAL D 579 -24.90 26.45 -0.77
C VAL D 579 -26.20 25.99 -0.12
N ILE D 580 -26.12 25.53 1.14
CA ILE D 580 -27.34 25.09 1.82
C ILE D 580 -28.28 26.26 2.06
N GLU D 581 -27.73 27.45 2.31
CA GLU D 581 -28.59 28.61 2.53
C GLU D 581 -29.44 28.92 1.31
N LYS D 582 -28.94 28.59 0.12
CA LYS D 582 -29.67 28.84 -1.12
C LYS D 582 -30.25 27.57 -1.74
N ALA D 583 -30.29 26.47 -1.01
CA ALA D 583 -30.73 25.20 -1.57
C ALA D 583 -32.24 25.23 -1.87
N ASP D 584 -32.67 24.28 -2.70
CA ASP D 584 -34.05 24.23 -3.16
C ASP D 584 -34.73 22.87 -3.02
N ASN D 585 -33.98 21.78 -2.86
CA ASN D 585 -34.58 20.45 -2.78
C ASN D 585 -33.73 19.56 -1.86
N ALA D 586 -34.06 18.27 -1.85
CA ALA D 586 -33.43 17.34 -0.92
C ALA D 586 -32.02 16.94 -1.36
N ALA D 587 -31.82 16.76 -2.67
CA ALA D 587 -30.53 16.26 -3.14
C ALA D 587 -29.41 17.23 -2.84
N GLN D 588 -29.65 18.53 -3.03
CA GLN D 588 -28.60 19.52 -2.81
C GLN D 588 -28.19 19.54 -1.33
N VAL D 589 -29.15 19.58 -0.42
CA VAL D 589 -28.82 19.60 1.00
C VAL D 589 -28.14 18.29 1.39
N LYS D 590 -28.56 17.17 0.80
CA LYS D 590 -27.95 15.89 1.13
C LYS D 590 -26.47 15.88 0.75
N ASP D 591 -26.17 16.25 -0.49
CA ASP D 591 -24.78 16.26 -0.93
C ASP D 591 -23.94 17.26 -0.14
N ALA D 592 -24.49 18.46 0.09
CA ALA D 592 -23.73 19.47 0.82
C ALA D 592 -23.42 19.03 2.24
N LEU D 593 -24.39 18.39 2.91
CA LEU D 593 -24.15 17.94 4.27
C LEU D 593 -23.18 16.76 4.31
N THR D 594 -23.20 15.90 3.29
CA THR D 594 -22.20 14.85 3.22
C THR D 594 -20.79 15.44 3.11
N LYS D 595 -20.63 16.44 2.24
CA LYS D 595 -19.33 17.09 2.11
C LYS D 595 -18.91 17.78 3.41
N MET D 596 -19.87 18.42 4.08
CA MET D 596 -19.60 19.04 5.37
C MET D 596 -19.11 18.02 6.39
N ARG D 597 -19.77 16.86 6.46
CA ARG D 597 -19.36 15.84 7.42
C ARG D 597 -17.96 15.33 7.10
N ALA D 598 -17.67 15.09 5.83
CA ALA D 598 -16.33 14.63 5.46
C ALA D 598 -15.27 15.66 5.84
N ALA D 599 -15.54 16.94 5.55
CA ALA D 599 -14.57 17.99 5.86
C ALA D 599 -14.36 18.13 7.37
N ALA D 600 -15.44 18.06 8.15
CA ALA D 600 -15.30 18.20 9.59
C ALA D 600 -14.54 17.03 10.20
N LEU D 601 -14.84 15.81 9.76
CA LEU D 601 -14.12 14.65 10.26
C LEU D 601 -12.65 14.68 9.86
N ASP D 602 -12.34 15.26 8.70
CA ASP D 602 -10.94 15.39 8.31
C ASP D 602 -10.23 16.47 9.14
N ALA D 603 -10.92 17.58 9.41
CA ALA D 603 -10.31 18.70 10.12
C ALA D 603 -10.13 18.42 11.61
N GLN D 604 -10.99 17.58 12.20
CA GLN D 604 -10.91 17.30 13.63
C GLN D 604 -9.57 16.69 14.02
N LYS D 605 -8.87 16.05 13.09
CA LYS D 605 -7.63 15.35 13.43
C LYS D 605 -6.50 16.32 13.77
N ALA D 606 -6.54 17.54 13.24
CA ALA D 606 -5.47 18.50 13.50
C ALA D 606 -5.48 19.01 14.94
N THR D 607 -6.58 18.85 15.66
CA THR D 607 -6.66 19.37 17.02
C THR D 607 -5.72 18.60 17.93
N PRO D 608 -4.93 19.30 18.75
CA PRO D 608 -4.09 18.62 19.74
C PRO D 608 -4.86 18.33 21.01
N PRO D 609 -4.87 17.08 21.48
CA PRO D 609 -5.61 16.66 22.68
C PRO D 609 -5.14 17.39 23.94
N ASP D 623 -11.63 21.13 24.56
CA ASP D 623 -11.92 22.48 24.11
C ASP D 623 -12.35 22.51 22.66
N PHE D 624 -11.38 22.43 21.75
CA PHE D 624 -11.70 22.46 20.32
C PHE D 624 -12.31 21.14 19.86
N ARG D 625 -11.86 20.03 20.44
CA ARG D 625 -12.41 18.73 20.07
C ARG D 625 -13.89 18.64 20.39
N HIS D 626 -14.31 19.23 21.52
CA HIS D 626 -15.72 19.27 21.86
C HIS D 626 -16.51 20.06 20.83
N GLY D 627 -15.93 21.16 20.34
CA GLY D 627 -16.60 21.94 19.30
C GLY D 627 -16.76 21.17 18.01
N PHE D 628 -15.72 20.44 17.60
CA PHE D 628 -15.84 19.62 16.40
C PHE D 628 -16.88 18.52 16.58
N ASP D 629 -16.92 17.90 17.77
CA ASP D 629 -17.92 16.88 18.03
C ASP D 629 -19.33 17.45 17.95
N ILE D 630 -19.56 18.62 18.54
CA ILE D 630 -20.91 19.20 18.49
C ILE D 630 -21.26 19.62 17.06
N LEU D 631 -20.28 20.08 16.28
CA LEU D 631 -20.55 20.41 14.89
C LEU D 631 -20.97 19.19 14.10
N VAL D 632 -20.27 18.07 14.29
CA VAL D 632 -20.62 16.84 13.58
C VAL D 632 -21.99 16.36 14.04
N GLY D 633 -22.31 16.51 15.32
CA GLY D 633 -23.63 16.11 15.80
C GLY D 633 -24.75 16.91 15.19
N GLN D 634 -24.58 18.23 15.08
CA GLN D 634 -25.61 19.06 14.45
C GLN D 634 -25.73 18.73 12.97
N ILE D 635 -24.60 18.45 12.30
CA ILE D 635 -24.65 18.03 10.91
C ILE D 635 -25.44 16.74 10.77
N ASP D 636 -25.23 15.79 11.70
CA ASP D 636 -25.96 14.53 11.66
C ASP D 636 -27.46 14.75 11.86
N ASP D 637 -27.83 15.63 12.78
CA ASP D 637 -29.25 15.92 13.00
C ASP D 637 -29.87 16.53 11.75
N ALA D 638 -29.17 17.48 11.12
CA ALA D 638 -29.69 18.08 9.89
C ALA D 638 -29.81 17.04 8.79
N LEU D 639 -28.84 16.13 8.68
CA LEU D 639 -28.89 15.08 7.69
C LEU D 639 -30.09 14.17 7.91
N LYS D 640 -30.37 13.82 9.16
CA LYS D 640 -31.54 13.00 9.46
C LYS D 640 -32.84 13.72 9.06
N LEU D 641 -32.93 15.01 9.40
CA LEU D 641 -34.13 15.76 9.03
C LEU D 641 -34.30 15.83 7.52
N ALA D 642 -33.20 16.03 6.78
CA ALA D 642 -33.27 16.02 5.32
C ALA D 642 -33.67 14.65 4.79
N ASN D 643 -33.19 13.58 5.43
CA ASN D 643 -33.55 12.23 5.01
C ASN D 643 -35.04 11.98 5.20
N GLU D 644 -35.61 12.53 6.28
CA GLU D 644 -37.05 12.37 6.50
C GLU D 644 -37.88 12.92 5.34
N GLY D 645 -37.34 13.89 4.60
CA GLY D 645 -38.01 14.42 3.43
C GLY D 645 -38.46 15.87 3.55
N LYS D 646 -38.09 16.59 4.59
CA LYS D 646 -38.52 17.98 4.78
C LYS D 646 -37.30 18.89 4.62
N VAL D 647 -37.32 19.70 3.55
CA VAL D 647 -36.20 20.60 3.30
C VAL D 647 -36.16 21.74 4.31
N LYS D 648 -37.33 22.30 4.65
CA LYS D 648 -37.38 23.46 5.53
C LYS D 648 -36.83 23.13 6.92
N GLU D 649 -37.19 21.97 7.46
CA GLU D 649 -36.65 21.57 8.74
C GLU D 649 -35.14 21.34 8.66
N ALA D 650 -34.65 20.85 7.53
CA ALA D 650 -33.21 20.70 7.35
C ALA D 650 -32.51 22.05 7.38
N GLN D 651 -33.08 23.05 6.71
CA GLN D 651 -32.51 24.40 6.77
C GLN D 651 -32.54 24.96 8.19
N ALA D 652 -33.65 24.73 8.90
CA ALA D 652 -33.74 25.20 10.27
C ALA D 652 -32.69 24.54 11.16
N ALA D 653 -32.45 23.24 10.96
CA ALA D 653 -31.43 22.55 11.73
C ALA D 653 -30.04 23.05 11.39
N ALA D 654 -29.77 23.31 10.11
CA ALA D 654 -28.47 23.83 9.70
C ALA D 654 -28.26 25.29 10.09
N GLU D 655 -29.33 25.99 10.49
CA GLU D 655 -29.18 27.37 10.94
C GLU D 655 -28.21 27.45 12.12
N GLN D 656 -28.37 26.56 13.11
CA GLN D 656 -27.58 26.63 14.34
C GLN D 656 -26.10 26.39 14.13
N LEU D 657 -25.68 25.88 12.96
CA LEU D 657 -24.26 25.59 12.74
C LEU D 657 -23.41 26.85 12.76
N LYS D 658 -23.98 27.99 12.37
CA LYS D 658 -23.22 29.23 12.29
C LYS D 658 -22.73 29.67 13.67
N THR D 659 -23.58 29.52 14.69
CA THR D 659 -23.19 29.93 16.04
C THR D 659 -22.02 29.11 16.54
N THR D 660 -22.09 27.79 16.39
CA THR D 660 -21.00 26.93 16.82
C THR D 660 -19.73 27.22 16.03
N ARG D 661 -19.87 27.48 14.73
CA ARG D 661 -18.72 27.87 13.93
C ARG D 661 -18.05 29.12 14.53
N ASN D 662 -18.80 30.21 14.62
CA ASN D 662 -18.27 31.49 15.06
C ASN D 662 -17.84 31.49 16.52
N ALA D 663 -18.23 30.47 17.29
CA ALA D 663 -17.83 30.40 18.69
C ALA D 663 -16.79 29.31 18.98
N TYR D 664 -16.44 28.47 18.01
CA TYR D 664 -15.48 27.42 18.33
C TYR D 664 -14.36 27.26 17.31
N ILE D 665 -14.60 27.59 16.04
CA ILE D 665 -13.66 27.26 14.97
C ILE D 665 -12.77 28.44 14.61
N GLN D 666 -13.33 29.65 14.63
CA GLN D 666 -12.54 30.82 14.29
C GLN D 666 -11.36 30.99 15.24
N LYS D 667 -11.58 30.75 16.53
CA LYS D 667 -10.51 30.91 17.50
C LYS D 667 -9.36 29.93 17.25
N TYR D 668 -9.66 28.66 16.96
CA TYR D 668 -8.57 27.72 16.77
C TYR D 668 -7.87 27.95 15.44
N LEU D 669 -8.61 28.41 14.41
CA LEU D 669 -7.97 28.79 13.16
C LEU D 669 -6.98 29.93 13.39
N GLU D 670 -7.40 30.95 14.13
CA GLU D 670 -6.51 32.07 14.42
C GLU D 670 -5.29 31.63 15.22
N ARG D 671 -5.51 30.78 16.23
CA ARG D 671 -4.38 30.31 17.05
C ARG D 671 -3.38 29.55 16.20
N ALA D 672 -3.84 28.65 15.33
CA ALA D 672 -2.92 27.87 14.50
C ALA D 672 -2.15 28.78 13.56
N ARG D 673 -2.83 29.74 12.93
CA ARG D 673 -2.13 30.65 12.02
C ARG D 673 -1.06 31.44 12.76
N SER D 674 -1.38 31.96 13.94
CA SER D 674 -0.40 32.72 14.71
C SER D 674 0.79 31.85 15.11
N THR D 675 0.53 30.61 15.53
CA THR D 675 1.63 29.74 15.95
C THR D 675 2.57 29.43 14.79
N LEU D 676 2.01 29.17 13.61
CA LEU D 676 2.86 28.89 12.46
C LEU D 676 3.65 30.13 12.04
N LYS D 677 3.04 31.31 12.18
CA LYS D 677 3.78 32.54 11.98
C LYS D 677 4.98 32.63 12.92
N GLN D 678 4.77 32.29 14.20
CA GLN D 678 5.87 32.36 15.16
C GLN D 678 6.99 31.40 14.79
N ARG D 679 6.64 30.20 14.31
CA ARG D 679 7.66 29.26 13.90
C ARG D 679 8.47 29.79 12.72
N ARG D 680 7.80 30.41 11.75
CA ARG D 680 8.53 31.05 10.66
C ARG D 680 9.46 32.14 11.19
N GLU D 681 8.98 32.91 12.17
CA GLU D 681 9.76 34.01 12.71
C GLU D 681 11.05 33.52 13.35
N VAL D 682 10.99 32.41 14.09
CA VAL D 682 12.22 31.91 14.70
C VAL D 682 13.15 31.31 13.64
N ALA D 683 12.59 30.60 12.64
CA ALA D 683 13.43 30.06 11.58
C ALA D 683 14.19 31.16 10.84
N LYS D 684 13.60 32.35 10.75
CA LYS D 684 14.26 33.48 10.09
C LYS D 684 15.66 33.71 10.63
N THR D 685 15.77 33.99 11.94
CA THR D 685 17.09 34.22 12.52
C THR D 685 17.93 32.95 12.54
N VAL D 686 17.28 31.80 12.74
CA VAL D 686 18.01 30.53 12.79
C VAL D 686 18.80 30.32 11.51
N PHE D 687 18.32 30.85 10.38
CA PHE D 687 19.05 30.68 9.14
C PHE D 687 19.81 31.93 8.70
N CYS D 688 19.44 33.11 9.19
CA CYS D 688 20.28 34.29 8.96
C CYS D 688 21.66 34.09 9.57
N LEU D 689 21.73 33.43 10.74
CA LEU D 689 23.03 33.15 11.33
C LEU D 689 23.90 32.32 10.39
N VAL D 690 23.34 31.27 9.81
CA VAL D 690 24.14 30.39 8.97
C VAL D 690 24.53 31.09 7.67
N VAL D 691 23.67 31.95 7.13
CA VAL D 691 24.06 32.66 5.91
C VAL D 691 25.19 33.63 6.18
N ILE D 692 25.17 34.29 7.36
CA ILE D 692 26.28 35.18 7.71
C ILE D 692 27.58 34.39 7.86
N PHE D 693 27.51 33.23 8.52
CA PHE D 693 28.71 32.40 8.70
C PHE D 693 29.28 31.96 7.36
N ALA D 694 28.40 31.51 6.45
CA ALA D 694 28.87 31.04 5.15
C ALA D 694 29.47 32.17 4.33
N LEU D 695 28.89 33.36 4.42
CA LEU D 695 29.48 34.50 3.74
C LEU D 695 30.87 34.81 4.31
N CYS D 696 31.01 34.72 5.63
CA CYS D 696 32.26 35.13 6.27
C CYS D 696 33.41 34.16 6.00
N TRP D 697 33.17 32.85 6.01
CA TRP D 697 34.29 31.92 5.96
C TRP D 697 34.83 31.65 4.55
N PHE D 698 34.04 31.91 3.50
CA PHE D 698 34.44 31.50 2.16
C PHE D 698 35.71 32.16 1.64
N PRO D 699 35.91 33.48 1.74
CA PRO D 699 37.07 34.08 1.03
C PRO D 699 38.42 33.51 1.40
N LEU D 700 38.63 33.11 2.65
CA LEU D 700 39.92 32.54 3.03
C LEU D 700 40.19 31.26 2.27
N HIS D 701 39.19 30.38 2.19
CA HIS D 701 39.37 29.14 1.44
C HIS D 701 39.50 29.40 -0.06
N LEU D 702 38.77 30.40 -0.56
CA LEU D 702 38.89 30.75 -1.97
C LEU D 702 40.31 31.19 -2.30
N SER D 703 40.93 31.97 -1.41
CA SER D 703 42.29 32.43 -1.64
C SER D 703 43.31 31.32 -1.42
N ARG D 704 43.08 30.43 -0.46
CA ARG D 704 43.99 29.31 -0.25
C ARG D 704 43.99 28.36 -1.44
N ILE D 705 42.81 28.02 -1.96
CA ILE D 705 42.72 27.00 -2.99
C ILE D 705 43.40 27.46 -4.28
N LEU D 706 43.46 28.76 -4.52
CA LEU D 706 44.15 29.26 -5.70
C LEU D 706 45.64 29.03 -5.60
N LYS D 707 46.22 29.19 -4.41
CA LYS D 707 47.63 28.96 -4.13
C LYS D 707 47.95 27.47 -3.98
N LYS D 708 46.97 26.59 -4.16
CA LYS D 708 47.20 25.15 -4.08
C LYS D 708 46.90 24.43 -5.39
N THR D 709 45.95 24.91 -6.19
CA THR D 709 45.62 24.29 -7.47
C THR D 709 46.32 25.01 -8.63
N VAL D 710 46.28 26.33 -8.63
CA VAL D 710 46.80 27.14 -9.73
C VAL D 710 47.94 27.98 -9.20
N TYR D 711 48.72 27.42 -8.27
CA TYR D 711 49.77 28.16 -7.57
C TYR D 711 50.73 28.88 -8.51
N ASN D 712 51.39 29.92 -8.01
CA ASN D 712 52.13 30.87 -8.84
C ASN D 712 53.49 30.29 -9.28
N GLU D 713 53.42 29.17 -10.00
CA GLU D 713 54.64 28.56 -10.52
C GLU D 713 55.14 29.30 -11.76
N MET D 714 54.34 29.28 -12.83
CA MET D 714 54.61 30.06 -14.03
C MET D 714 53.34 30.64 -14.63
N ASP D 715 52.21 30.52 -13.94
CA ASP D 715 50.90 30.81 -14.51
C ASP D 715 50.70 32.27 -14.89
N LYS D 716 50.67 33.17 -13.92
CA LYS D 716 50.22 34.53 -14.20
C LYS D 716 50.81 35.53 -13.22
N ASN D 717 51.31 36.64 -13.77
CA ASN D 717 51.65 37.89 -13.07
C ASN D 717 52.88 37.78 -12.19
N ARG D 718 53.36 36.56 -11.95
CA ARG D 718 54.53 36.31 -11.11
C ARG D 718 54.51 37.07 -9.79
N CYS D 719 55.25 38.18 -9.71
CA CYS D 719 55.40 38.87 -8.43
C CYS D 719 54.08 39.38 -7.87
N GLU D 720 53.11 39.68 -8.74
CA GLU D 720 51.83 40.15 -8.26
C GLU D 720 51.05 39.05 -7.53
N LEU D 721 50.92 37.88 -8.16
CA LEU D 721 50.09 36.82 -7.60
C LEU D 721 50.71 36.23 -6.34
N LEU D 722 52.03 36.07 -6.32
CA LEU D 722 52.71 35.44 -5.19
C LEU D 722 52.41 36.17 -3.90
N SER D 723 52.43 37.50 -3.93
CA SER D 723 52.07 38.30 -2.76
C SER D 723 50.57 38.52 -2.63
N PHE D 724 49.82 38.47 -3.75
CA PHE D 724 48.38 38.64 -3.69
C PHE D 724 47.73 37.52 -2.87
N LEU D 725 48.18 36.29 -3.09
CA LEU D 725 47.63 35.17 -2.34
C LEU D 725 47.86 35.34 -0.84
N LEU D 726 49.06 35.77 -0.45
CA LEU D 726 49.35 36.01 0.96
C LEU D 726 48.50 37.16 1.51
N LEU D 727 48.29 38.21 0.72
CA LEU D 727 47.48 39.34 1.17
C LEU D 727 46.05 38.91 1.47
N MET D 728 45.42 38.20 0.53
CA MET D 728 44.07 37.73 0.81
C MET D 728 44.06 36.63 1.88
N ASP D 729 45.17 35.93 2.10
CA ASP D 729 45.20 35.01 3.24
C ASP D 729 45.16 35.77 4.56
N TYR D 730 45.89 36.88 4.65
CA TYR D 730 45.81 37.73 5.83
C TYR D 730 44.40 38.27 6.02
N ILE D 731 43.77 38.73 4.94
CA ILE D 731 42.41 39.22 5.03
C ILE D 731 41.47 38.11 5.47
N GLY D 732 41.70 36.89 4.99
CA GLY D 732 40.86 35.77 5.39
C GLY D 732 40.99 35.46 6.87
N ILE D 733 42.21 35.50 7.40
CA ILE D 733 42.41 35.33 8.83
C ILE D 733 41.64 36.40 9.60
N ASN D 734 41.75 37.65 9.16
CA ASN D 734 41.08 38.74 9.87
C ASN D 734 39.56 38.57 9.86
N LEU D 735 38.99 38.21 8.71
CA LEU D 735 37.54 38.05 8.63
C LEU D 735 37.07 36.84 9.42
N ALA D 736 37.83 35.74 9.39
CA ALA D 736 37.46 34.59 10.20
C ALA D 736 37.49 34.93 11.68
N THR D 737 38.39 35.80 12.10
CA THR D 737 38.39 36.23 13.50
C THR D 737 37.20 37.15 13.80
N MET D 738 36.86 38.04 12.87
CA MET D 738 35.75 38.96 13.06
C MET D 738 34.39 38.27 13.08
N ASN D 739 34.27 37.10 12.45
CA ASN D 739 33.07 36.30 12.63
C ASN D 739 32.85 35.95 14.09
N SER D 740 33.93 35.75 14.84
CA SER D 740 33.87 35.50 16.27
C SER D 740 33.46 36.71 17.08
N CYS D 741 32.94 37.77 16.44
CA CYS D 741 32.34 38.87 17.18
C CYS D 741 31.01 39.30 16.57
N ILE D 742 30.86 39.14 15.25
CA ILE D 742 29.72 39.79 14.58
C ILE D 742 28.38 39.13 14.92
N ASN D 743 28.35 37.84 15.23
CA ASN D 743 27.08 37.14 15.37
C ASN D 743 26.12 37.77 16.38
N PRO D 744 26.55 38.18 17.59
CA PRO D 744 25.60 38.86 18.49
C PRO D 744 24.94 40.08 17.88
N ILE D 745 25.67 40.86 17.13
CA ILE D 745 25.11 42.07 16.58
C ILE D 745 23.83 41.73 15.83
N ALA D 746 23.92 40.79 14.89
CA ALA D 746 22.76 40.44 14.09
C ALA D 746 21.63 39.84 14.91
N LEU D 747 21.97 39.01 15.90
CA LEU D 747 20.94 38.38 16.70
C LEU D 747 20.06 39.46 17.28
N TYR D 748 20.67 40.52 17.77
CA TYR D 748 19.90 41.63 18.34
C TYR D 748 19.20 42.42 17.24
N PHE D 749 19.92 42.71 16.17
CA PHE D 749 19.34 43.54 15.13
C PHE D 749 18.28 42.85 14.28
N VAL D 750 18.52 41.61 13.89
CA VAL D 750 17.58 40.91 13.02
C VAL D 750 16.41 40.25 13.74
N SER D 751 16.69 39.56 14.84
CA SER D 751 15.62 38.86 15.55
C SER D 751 14.57 39.82 16.09
N LYS D 752 15.01 40.99 16.56
CA LYS D 752 14.08 41.99 17.11
C LYS D 752 13.53 41.59 18.49
N LYS D 753 13.27 40.31 18.68
CA LYS D 753 12.78 39.83 19.96
C LYS D 753 13.75 40.17 21.08
N PHE D 754 15.04 40.04 20.80
CA PHE D 754 16.05 40.38 21.80
C PHE D 754 16.01 41.86 22.13
N LYS D 755 15.75 42.68 21.12
CA LYS D 755 15.69 44.12 21.32
C LYS D 755 14.69 44.39 22.41
N ASN D 756 13.58 43.66 22.39
CA ASN D 756 12.54 43.87 23.38
C ASN D 756 13.13 43.64 24.75
N CYS D 757 14.17 42.81 24.82
CA CYS D 757 14.77 42.50 26.09
C CYS D 757 15.94 43.42 26.36
N PHE D 758 16.07 44.48 25.58
CA PHE D 758 17.16 45.43 25.76
C PHE D 758 16.64 46.82 26.12
#